data_4FAD
#
_entry.id   4FAD
#
_cell.length_a   144.550
_cell.length_b   67.260
_cell.length_c   107.600
_cell.angle_alpha   90.00
_cell.angle_beta   95.68
_cell.angle_gamma   90.00
#
_symmetry.space_group_name_H-M   'C 1 2 1'
#
loop_
_entity.id
_entity.type
_entity.pdbx_description
1 polymer 'Phosphatidylinositol 4,5-bisphosphate 3-kinase catalytic subunit gamma isoform'
2 non-polymer 2-amino-6-(5-fluoro-6-methoxypyridin-3-yl)-4-methyl-8-(pyrrolidin-1-yl)pyrido[2,3-d]pyrimidin-7(8H)-one
3 water water
#
_entity_poly.entity_id   1
_entity_poly.type   'polypeptide(L)'
_entity_poly.pdbx_seq_one_letter_code
;MSEESQAFQRQLTALIGYDVTDVSNVHDDELEFTRRGLVTPRMAEVASRDPKLYAMHPWVTSKPLPEYLWKKIANNCIFI
VIHRSTTSQTIKVSPDDTPGAILQSFFTKMAKKKSLMDIPESQSEQDFVLRVCGRDEYLVGETPIKNFQWVRHCLKNGEE
IHVVLDTPPDPALDEVRKEEWPLVDDCTGVTGYHEQLTIHGKDHESVFTVSLWDCDRKFRVKIRGIDIPVLPRNTDLTVF
VEANIQHGQQVLCQRRTSPKPFTEEVLWNVWLEFSIKIKDLPKGALLNLQIYCGKAPALSSKASAESPSSESKGKVQLLY
YVNLLLIDHRFLLRRGEYVLHMWQISGKGEDQGSFNADKLTSATNPDKENSMSISILLDNYCHPIALPKHQPTPDPEGDR
VRAEMPNQLRKQLEAIIATDPLNPLTAEDKELLWHFRYESLKHPKAYPKLFSSVKWGQQEIVAKTYQLLARREVWDQSAL
DVGLTMQLLDCNFSDENVRAIAVQKLESLEDDDVLHYLLQLVQAVKFEPYHDSALARFLLKRGLRNKRIGHFLFWFLRSE
IAQSRHYQQRFAVILEAYLRGCGTAMLHDFTQQVQVIEMLQKVTLDIKSLSAEKYDVSSQVISQLKQKLENLQNSQLPES
FRVPYDPGLKAGALAIEKCKVMASKKKPLWLEFKCADPTALSNETIGIIFKHGDDLRQDMLILQILRIMESIWETESLDL
CLLPYGCISTGDKIGMIEIVKDATTIAKIQQSTVGNTGAFKDEVLNHWLKEKSPTEEKFQAAVERFVYSCAGYCVATFVL
GIGDRHNDNIMITETGNLFHIDFGHILGNYKSFLGINKERVPFVLTPDFLFVMGTSGKKTSPHFQKFQDICVKAYLALRH
HTNLLIILFSMMLMTGMPQLTSKEDIEYIRDALTVGKNEEDAKKYFLDQIEVCRDKGWTVQFNWFLHLVLGIKQGEKHSA
HHHHHH
;
_entity_poly.pdbx_strand_id   A
#
loop_
_chem_comp.id
_chem_comp.type
_chem_comp.name
_chem_comp.formula
0TB non-polymer 2-amino-6-(5-fluoro-6-methoxypyridin-3-yl)-4-methyl-8-(pyrrolidin-1-yl)pyrido[2,3-d]pyrimidin-7(8H)-one 'C18 H19 F N6 O2'
#
# COMPACT_ATOMS: atom_id res chain seq x y z
N SER A 2 32.50 -2.21 -20.62
CA SER A 2 32.64 -3.63 -20.30
C SER A 2 31.65 -4.47 -21.13
N GLU A 3 31.47 -5.75 -20.77
CA GLU A 3 30.56 -6.72 -21.41
C GLU A 3 29.90 -7.55 -20.30
N GLU A 4 30.67 -7.88 -19.24
CA GLU A 4 30.16 -8.56 -18.04
C GLU A 4 29.40 -7.52 -17.17
N SER A 5 29.16 -6.34 -17.76
CA SER A 5 28.44 -5.17 -17.23
C SER A 5 27.32 -4.82 -18.24
N GLN A 6 27.23 -5.59 -19.33
CA GLN A 6 26.23 -5.41 -20.39
C GLN A 6 25.33 -6.65 -20.49
N ALA A 7 25.66 -7.68 -19.69
CA ALA A 7 24.93 -8.93 -19.49
C ALA A 7 24.05 -8.70 -18.26
N PHE A 8 24.65 -8.06 -17.24
CA PHE A 8 24.07 -7.63 -15.97
C PHE A 8 22.91 -6.64 -16.24
N GLN A 9 23.05 -5.84 -17.33
CA GLN A 9 22.07 -4.87 -17.81
C GLN A 9 20.86 -5.56 -18.46
N ARG A 10 21.11 -6.58 -19.33
CA ARG A 10 20.05 -7.36 -19.98
C ARG A 10 19.21 -8.09 -18.93
N GLN A 11 19.87 -8.58 -17.84
CA GLN A 11 19.25 -9.27 -16.71
C GLN A 11 18.32 -8.37 -15.90
N LEU A 12 18.82 -7.20 -15.38
CA LEU A 12 18.04 -6.23 -14.60
C LEU A 12 16.74 -5.90 -15.32
N THR A 13 16.81 -5.57 -16.62
CA THR A 13 15.69 -5.26 -17.54
C THR A 13 14.60 -6.36 -17.50
N ALA A 14 15.01 -7.65 -17.37
CA ALA A 14 14.08 -8.79 -17.29
C ALA A 14 13.39 -8.87 -15.91
N LEU A 15 14.05 -8.40 -14.84
CA LEU A 15 13.49 -8.38 -13.48
C LEU A 15 12.58 -7.17 -13.30
N ILE A 16 12.97 -6.03 -13.89
CA ILE A 16 12.24 -4.77 -13.85
C ILE A 16 10.91 -4.91 -14.63
N GLY A 17 10.96 -5.65 -15.74
CA GLY A 17 9.83 -5.86 -16.64
C GLY A 17 9.69 -4.67 -17.56
N TYR A 18 10.70 -3.78 -17.54
CA TYR A 18 10.84 -2.56 -18.33
C TYR A 18 12.32 -2.30 -18.61
N ASP A 19 12.61 -1.82 -19.83
CA ASP A 19 13.94 -1.50 -20.30
C ASP A 19 14.27 -0.04 -20.00
N VAL A 20 15.02 0.18 -18.90
CA VAL A 20 15.42 1.51 -18.41
C VAL A 20 16.28 2.30 -19.42
N THR A 21 17.51 1.78 -19.75
CA THR A 21 18.50 2.31 -20.70
C THR A 21 17.88 2.86 -21.97
N ASP A 22 16.70 2.31 -22.37
CA ASP A 22 15.86 2.71 -23.50
C ASP A 22 15.55 4.22 -23.44
N VAL A 23 15.45 4.87 -24.63
CA VAL A 23 15.22 6.31 -24.75
C VAL A 23 14.22 6.63 -25.92
N SER A 24 13.26 5.72 -26.21
CA SER A 24 12.30 5.93 -27.31
C SER A 24 11.04 6.74 -26.93
N ASN A 25 10.76 6.86 -25.63
CA ASN A 25 9.60 7.59 -25.12
C ASN A 25 9.97 8.63 -24.04
N VAL A 26 10.95 9.46 -24.38
CA VAL A 26 11.48 10.51 -23.53
C VAL A 26 11.69 11.76 -24.40
N HIS A 27 11.79 12.93 -23.76
CA HIS A 27 12.05 14.20 -24.43
C HIS A 27 13.07 15.05 -23.63
N ASP A 28 13.95 14.38 -22.85
CA ASP A 28 15.01 14.97 -22.01
C ASP A 28 15.82 13.94 -21.20
N ASP A 29 16.89 14.39 -20.58
CA ASP A 29 17.78 13.55 -19.80
C ASP A 29 17.38 13.44 -18.32
N GLU A 30 16.07 13.55 -17.98
CA GLU A 30 15.70 13.50 -16.55
C GLU A 30 15.87 12.14 -15.94
N LEU A 31 15.35 11.10 -16.63
CA LEU A 31 15.42 9.74 -16.14
C LEU A 31 16.84 9.26 -16.07
N GLU A 32 17.63 9.49 -17.15
CA GLU A 32 19.07 9.21 -17.21
C GLU A 32 19.79 9.94 -16.10
N PHE A 33 19.41 11.22 -15.90
CA PHE A 33 19.92 12.10 -14.84
C PHE A 33 19.62 11.55 -13.45
N THR A 34 18.38 11.03 -13.23
CA THR A 34 17.93 10.43 -11.96
C THR A 34 18.72 9.15 -11.65
N ARG A 35 19.07 8.38 -12.68
CA ARG A 35 19.87 7.16 -12.55
C ARG A 35 21.25 7.50 -12.03
N ARG A 36 21.89 8.57 -12.60
CA ARG A 36 23.21 9.08 -12.22
C ARG A 36 23.19 9.62 -10.79
N GLY A 37 22.12 10.37 -10.46
CA GLY A 37 21.87 10.97 -9.15
C GLY A 37 21.72 9.95 -8.04
N LEU A 38 21.10 8.79 -8.37
CA LEU A 38 20.85 7.65 -7.48
C LEU A 38 22.05 6.74 -7.16
N VAL A 39 23.18 6.87 -7.90
CA VAL A 39 24.39 6.07 -7.68
C VAL A 39 24.96 6.28 -6.23
N THR A 40 25.07 7.55 -5.78
CA THR A 40 25.53 7.96 -4.44
C THR A 40 24.62 7.44 -3.30
N PRO A 41 23.27 7.73 -3.25
CA PRO A 41 22.46 7.18 -2.13
C PRO A 41 22.52 5.65 -2.07
N ARG A 42 22.54 4.97 -3.24
CA ARG A 42 22.67 3.52 -3.37
C ARG A 42 23.98 3.05 -2.73
N MET A 43 25.12 3.64 -3.15
CA MET A 43 26.44 3.28 -2.65
C MET A 43 26.68 3.57 -1.18
N ALA A 44 26.19 4.73 -0.68
CA ALA A 44 26.30 5.13 0.73
C ALA A 44 25.61 4.15 1.69
N GLU A 45 24.39 3.67 1.34
CA GLU A 45 23.66 2.71 2.19
C GLU A 45 24.30 1.32 2.14
N VAL A 46 24.82 0.92 0.96
CA VAL A 46 25.51 -0.36 0.74
C VAL A 46 26.75 -0.40 1.63
N ALA A 47 27.57 0.68 1.55
CA ALA A 47 28.80 0.88 2.31
C ALA A 47 28.59 1.18 3.81
N SER A 48 27.33 1.27 4.27
CA SER A 48 27.02 1.57 5.68
C SER A 48 26.20 0.47 6.42
N ARG A 49 25.80 -0.60 5.72
CA ARG A 49 25.01 -1.68 6.33
C ARG A 49 25.88 -2.81 6.87
N ASP A 50 25.75 -3.11 8.19
CA ASP A 50 26.49 -4.18 8.88
C ASP A 50 26.30 -5.48 8.09
N PRO A 51 27.35 -5.95 7.37
CA PRO A 51 27.19 -7.16 6.53
C PRO A 51 26.42 -8.35 7.10
N LYS A 52 26.68 -8.75 8.37
CA LYS A 52 26.02 -9.86 9.06
C LYS A 52 24.56 -9.56 9.33
N LEU A 53 24.27 -8.46 10.06
CA LEU A 53 22.93 -8.01 10.43
C LEU A 53 22.00 -7.84 9.22
N TYR A 54 22.57 -7.45 8.07
CA TYR A 54 21.87 -7.31 6.79
C TYR A 54 21.65 -8.69 6.11
N ALA A 55 22.51 -9.69 6.42
CA ALA A 55 22.38 -11.05 5.84
C ALA A 55 21.27 -11.81 6.56
N MET A 56 21.07 -11.49 7.86
CA MET A 56 20.10 -12.13 8.74
C MET A 56 18.79 -11.39 8.94
N HIS A 57 18.75 -10.11 8.54
CA HIS A 57 17.58 -9.22 8.61
C HIS A 57 16.69 -9.51 9.88
N PRO A 58 17.18 -9.48 11.16
CA PRO A 58 16.28 -9.77 12.28
C PRO A 58 15.04 -8.88 12.22
N TRP A 59 13.87 -9.46 12.45
CA TRP A 59 12.62 -8.73 12.38
C TRP A 59 12.25 -8.25 13.77
N VAL A 60 12.77 -7.08 14.12
CA VAL A 60 12.59 -6.47 15.43
C VAL A 60 11.66 -5.25 15.44
N THR A 61 10.90 -5.17 16.55
CA THR A 61 9.99 -4.09 16.96
C THR A 61 10.50 -3.48 18.28
N SER A 62 10.21 -2.20 18.54
CA SER A 62 10.62 -1.57 19.80
C SER A 62 9.41 -0.98 20.55
N LYS A 63 8.21 -1.44 20.18
CA LYS A 63 6.96 -1.02 20.80
C LYS A 63 6.75 -1.80 22.09
N PRO A 64 6.10 -1.21 23.14
CA PRO A 64 5.85 -1.97 24.37
C PRO A 64 5.00 -3.20 24.07
N LEU A 65 5.36 -4.35 24.67
CA LEU A 65 4.60 -5.58 24.48
C LEU A 65 3.18 -5.28 24.95
N PRO A 66 2.17 -5.50 24.09
CA PRO A 66 0.76 -5.19 24.47
C PRO A 66 0.26 -5.95 25.70
N GLU A 67 -0.81 -5.43 26.36
CA GLU A 67 -1.41 -6.07 27.54
C GLU A 67 -1.78 -7.52 27.29
N TYR A 68 -2.51 -7.80 26.19
CA TYR A 68 -2.97 -9.13 25.79
C TYR A 68 -1.89 -10.22 25.67
N LEU A 69 -0.64 -9.84 25.36
CA LEU A 69 0.47 -10.80 25.28
C LEU A 69 1.19 -11.01 26.61
N TRP A 70 0.91 -10.14 27.61
CA TRP A 70 1.43 -10.25 28.97
C TRP A 70 0.55 -11.21 29.74
N LYS A 71 -0.80 -11.04 29.62
CA LYS A 71 -1.84 -11.90 30.20
C LYS A 71 -1.69 -13.33 29.60
N LYS A 72 -0.85 -13.43 28.55
CA LYS A 72 -0.49 -14.65 27.82
C LYS A 72 0.85 -15.26 28.29
N ILE A 73 1.49 -14.63 29.28
CA ILE A 73 2.72 -15.10 29.90
C ILE A 73 2.38 -15.44 31.37
N ALA A 74 2.27 -16.75 31.64
CA ALA A 74 1.92 -17.29 32.95
C ALA A 74 2.81 -16.75 34.07
N ASN A 75 4.15 -16.75 33.89
CA ASN A 75 5.07 -16.31 34.94
C ASN A 75 6.45 -15.82 34.47
N ASN A 76 6.55 -14.68 33.73
CA ASN A 76 7.82 -14.10 33.23
C ASN A 76 8.74 -15.24 32.73
N CYS A 77 8.13 -16.22 32.04
CA CYS A 77 8.81 -17.42 31.60
C CYS A 77 8.29 -17.84 30.24
N ILE A 78 9.14 -17.65 29.22
CA ILE A 78 8.89 -17.98 27.82
C ILE A 78 9.53 -19.32 27.50
N PHE A 79 8.74 -20.24 26.93
CA PHE A 79 9.25 -21.54 26.56
C PHE A 79 9.67 -21.62 25.09
N ILE A 80 11.00 -21.54 24.87
CA ILE A 80 11.62 -21.66 23.54
C ILE A 80 12.10 -23.11 23.42
N VAL A 81 11.72 -23.76 22.32
CA VAL A 81 12.13 -25.13 22.04
C VAL A 81 13.30 -25.11 21.04
N ILE A 82 14.53 -25.30 21.55
CA ILE A 82 15.75 -25.31 20.74
C ILE A 82 15.99 -26.72 20.18
N HIS A 83 16.03 -26.84 18.84
CA HIS A 83 16.26 -28.09 18.12
C HIS A 83 17.58 -28.01 17.37
N ARG A 84 18.40 -29.05 17.51
CA ARG A 84 19.65 -29.11 16.79
C ARG A 84 19.47 -29.98 15.55
N SER A 85 19.88 -31.27 15.63
CA SER A 85 19.79 -32.22 14.52
C SER A 85 18.44 -32.92 14.61
N THR A 86 18.34 -33.91 15.52
CA THR A 86 17.15 -34.71 15.80
C THR A 86 16.80 -34.55 17.29
N THR A 87 17.72 -33.91 18.04
CA THR A 87 17.59 -33.62 19.47
C THR A 87 16.67 -32.39 19.65
N SER A 88 16.17 -32.20 20.87
CA SER A 88 15.28 -31.11 21.25
C SER A 88 15.51 -30.80 22.73
N GLN A 89 15.48 -29.51 23.08
CA GLN A 89 15.65 -29.06 24.45
C GLN A 89 14.82 -27.81 24.78
N THR A 90 13.68 -28.02 25.47
CA THR A 90 12.80 -26.93 25.91
C THR A 90 13.54 -26.16 27.01
N ILE A 91 13.66 -24.84 26.86
CA ILE A 91 14.33 -23.97 27.83
C ILE A 91 13.36 -22.89 28.34
N LYS A 92 13.64 -22.39 29.56
CA LYS A 92 12.90 -21.33 30.25
C LYS A 92 13.66 -20.03 30.01
N VAL A 93 12.99 -19.07 29.37
CA VAL A 93 13.53 -17.76 29.00
C VAL A 93 12.63 -16.66 29.58
N SER A 94 13.21 -15.50 29.89
CA SER A 94 12.46 -14.39 30.43
C SER A 94 12.28 -13.26 29.41
N PRO A 95 11.16 -12.50 29.47
CA PRO A 95 10.90 -11.38 28.52
C PRO A 95 12.01 -10.35 28.24
N ASP A 96 13.23 -10.54 28.77
CA ASP A 96 14.40 -9.67 28.56
C ASP A 96 15.67 -10.47 28.18
N ASP A 97 15.50 -11.78 27.90
CA ASP A 97 16.59 -12.68 27.49
C ASP A 97 17.05 -12.43 26.08
N THR A 98 18.12 -11.63 25.95
CA THR A 98 18.75 -11.32 24.67
C THR A 98 19.05 -12.63 23.92
N PRO A 99 18.78 -12.73 22.60
CA PRO A 99 19.03 -13.99 21.86
C PRO A 99 20.38 -14.63 22.09
N GLY A 100 21.48 -13.93 21.75
CA GLY A 100 22.85 -14.38 21.96
C GLY A 100 23.13 -14.83 23.39
N ALA A 101 22.49 -14.16 24.38
CA ALA A 101 22.59 -14.50 25.81
C ALA A 101 21.85 -15.81 26.18
N ILE A 102 21.07 -16.39 25.23
CA ILE A 102 20.37 -17.67 25.39
C ILE A 102 21.37 -18.81 24.99
N LEU A 103 22.60 -18.44 24.58
CA LEU A 103 23.65 -19.41 24.31
C LEU A 103 24.33 -19.74 25.62
N GLN A 104 24.52 -18.75 26.53
CA GLN A 104 25.06 -18.96 27.88
C GLN A 104 23.98 -19.52 28.80
N SER A 105 22.78 -19.75 28.21
CA SER A 105 21.60 -20.32 28.86
C SER A 105 21.32 -21.69 28.21
N PHE A 106 22.17 -22.08 27.23
CA PHE A 106 22.10 -23.35 26.51
C PHE A 106 23.42 -24.12 26.61
N PHE A 107 24.55 -23.40 26.64
CA PHE A 107 25.89 -23.99 26.77
C PHE A 107 26.25 -24.14 28.25
N THR A 108 25.57 -23.37 29.12
CA THR A 108 25.69 -23.39 30.59
C THR A 108 24.62 -24.33 31.17
N LYS A 109 23.40 -24.29 30.58
CA LYS A 109 22.30 -25.17 30.97
C LYS A 109 22.50 -26.62 30.47
N MET A 110 23.57 -26.87 29.70
CA MET A 110 23.94 -28.20 29.22
C MET A 110 25.36 -28.29 28.71
N ALA A 111 25.95 -29.50 28.75
CA ALA A 111 27.28 -29.83 28.25
C ALA A 111 27.35 -31.34 28.03
N LYS A 112 27.06 -32.11 29.10
CA LYS A 112 27.08 -33.58 29.13
C LYS A 112 25.64 -34.14 29.07
N ASP A 127 29.91 -17.38 16.56
CA ASP A 127 30.08 -18.81 16.34
C ASP A 127 28.82 -19.43 15.71
N PHE A 128 27.70 -19.44 16.46
CA PHE A 128 26.42 -20.01 16.02
C PHE A 128 25.21 -19.13 16.39
N VAL A 129 24.27 -18.99 15.42
CA VAL A 129 23.04 -18.19 15.53
C VAL A 129 21.76 -19.06 15.49
N LEU A 130 20.70 -18.59 16.17
CA LEU A 130 19.40 -19.24 16.20
C LEU A 130 18.56 -18.85 14.98
N ARG A 131 18.03 -19.87 14.27
CA ARG A 131 17.13 -19.67 13.14
C ARG A 131 15.73 -20.20 13.52
N VAL A 132 14.68 -19.79 12.81
CA VAL A 132 13.33 -20.31 13.05
C VAL A 132 13.10 -21.57 12.20
N CYS A 133 12.38 -22.55 12.76
CA CYS A 133 12.04 -23.82 12.10
C CYS A 133 11.09 -23.57 10.91
N GLY A 134 11.55 -23.99 9.72
CA GLY A 134 10.86 -23.86 8.44
C GLY A 134 11.03 -22.50 7.80
N ARG A 135 11.24 -21.47 8.64
CA ARG A 135 11.38 -20.11 8.18
C ARG A 135 12.78 -19.64 7.99
N ASP A 136 12.91 -18.60 7.15
CA ASP A 136 14.14 -17.91 6.85
C ASP A 136 14.07 -16.64 7.70
N GLU A 137 13.91 -16.84 9.02
CA GLU A 137 13.72 -15.80 10.02
C GLU A 137 14.63 -15.97 11.25
N TYR A 138 15.85 -15.44 11.17
CA TYR A 138 16.84 -15.51 12.23
C TYR A 138 16.42 -14.73 13.47
N LEU A 139 17.15 -14.93 14.56
CA LEU A 139 16.92 -14.31 15.85
C LEU A 139 18.20 -13.64 16.40
N VAL A 140 19.07 -13.13 15.52
CA VAL A 140 20.32 -12.41 15.82
C VAL A 140 20.07 -11.09 16.57
N GLY A 141 21.09 -10.23 16.59
CA GLY A 141 21.07 -8.88 17.15
C GLY A 141 20.78 -8.71 18.62
N GLU A 142 21.21 -7.56 19.14
CA GLU A 142 21.07 -7.11 20.53
C GLU A 142 19.66 -6.60 20.81
N THR A 143 18.71 -7.52 20.97
CA THR A 143 17.32 -7.13 21.25
C THR A 143 16.63 -8.11 22.20
N PRO A 144 15.81 -7.68 23.19
CA PRO A 144 15.12 -8.68 24.03
C PRO A 144 14.10 -9.41 23.16
N ILE A 145 14.02 -10.76 23.32
CA ILE A 145 13.08 -11.71 22.67
C ILE A 145 11.65 -11.17 22.55
N LYS A 146 11.13 -10.46 23.60
CA LYS A 146 9.79 -9.85 23.63
C LYS A 146 9.60 -8.85 22.48
N ASN A 147 10.67 -8.60 21.70
CA ASN A 147 10.72 -7.67 20.59
C ASN A 147 10.99 -8.31 19.20
N PHE A 148 10.55 -9.56 19.01
CA PHE A 148 10.69 -10.25 17.73
C PHE A 148 9.28 -10.59 17.29
N GLN A 149 8.87 -10.11 16.09
CA GLN A 149 7.51 -10.33 15.59
C GLN A 149 7.14 -11.78 15.56
N TRP A 150 8.12 -12.66 15.24
CA TRP A 150 7.93 -14.10 15.24
C TRP A 150 7.49 -14.60 16.60
N VAL A 151 8.15 -14.13 17.69
CA VAL A 151 7.86 -14.44 19.10
C VAL A 151 6.45 -13.93 19.47
N ARG A 152 6.15 -12.64 19.18
CA ARG A 152 4.86 -12.00 19.43
C ARG A 152 3.73 -12.71 18.67
N HIS A 153 4.07 -13.30 17.50
CA HIS A 153 3.17 -14.09 16.66
C HIS A 153 2.94 -15.51 17.27
N CYS A 154 3.91 -16.01 18.06
CA CYS A 154 3.77 -17.31 18.74
C CYS A 154 2.87 -17.15 19.97
N LEU A 155 3.11 -16.08 20.77
CA LEU A 155 2.36 -15.72 21.96
C LEU A 155 0.92 -15.32 21.67
N LYS A 156 0.68 -14.59 20.55
CA LYS A 156 -0.64 -14.10 20.15
C LYS A 156 -1.62 -15.23 19.81
N ASN A 157 -1.12 -16.26 19.12
CA ASN A 157 -1.93 -17.39 18.69
C ASN A 157 -1.67 -18.67 19.48
N GLY A 158 -1.27 -18.53 20.75
CA GLY A 158 -0.98 -19.64 21.67
C GLY A 158 -0.22 -20.76 21.02
N GLU A 159 1.03 -20.50 20.64
CA GLU A 159 1.86 -21.48 19.93
C GLU A 159 3.24 -21.62 20.56
N GLU A 160 3.95 -22.67 20.13
CA GLU A 160 5.31 -22.99 20.56
C GLU A 160 6.33 -22.03 19.89
N ILE A 161 7.64 -22.17 20.20
CA ILE A 161 8.71 -21.31 19.65
C ILE A 161 9.91 -22.19 19.22
N HIS A 162 9.79 -22.81 18.03
CA HIS A 162 10.80 -23.71 17.49
C HIS A 162 11.94 -23.00 16.81
N VAL A 163 13.16 -23.34 17.24
CA VAL A 163 14.42 -22.78 16.75
C VAL A 163 15.36 -23.92 16.30
N VAL A 164 16.11 -23.71 15.20
CA VAL A 164 17.10 -24.65 14.65
C VAL A 164 18.51 -24.02 14.71
N LEU A 165 19.24 -24.29 15.82
CA LEU A 165 20.60 -23.77 15.94
C LEU A 165 21.44 -24.17 14.70
N ASP A 166 21.83 -23.16 13.91
CA ASP A 166 22.65 -23.40 12.73
C ASP A 166 23.65 -22.27 12.47
N THR A 167 24.58 -22.52 11.54
CA THR A 167 25.63 -21.59 11.11
C THR A 167 25.04 -20.32 10.51
N PRO A 168 25.56 -19.12 10.89
CA PRO A 168 25.03 -17.87 10.30
C PRO A 168 25.29 -17.80 8.80
N PRO A 169 24.46 -17.06 8.02
CA PRO A 169 24.71 -16.94 6.58
C PRO A 169 25.95 -16.07 6.35
N ASP A 170 26.59 -16.28 5.22
CA ASP A 170 27.80 -15.55 4.91
C ASP A 170 27.54 -14.25 4.15
N PRO A 171 27.90 -13.07 4.74
CA PRO A 171 27.72 -11.79 4.04
C PRO A 171 28.31 -11.73 2.62
N ALA A 172 29.28 -12.62 2.27
CA ALA A 172 29.91 -12.70 0.94
C ALA A 172 28.86 -12.80 -0.16
N LEU A 173 27.83 -13.68 0.01
CA LEU A 173 26.73 -13.88 -0.94
C LEU A 173 25.92 -12.60 -1.23
N ASP A 174 26.03 -11.60 -0.32
CA ASP A 174 25.43 -10.26 -0.46
C ASP A 174 26.34 -9.30 -1.24
N GLU A 175 27.37 -9.85 -1.95
CA GLU A 175 28.33 -9.08 -2.77
C GLU A 175 27.61 -8.22 -3.77
N VAL A 176 28.02 -6.96 -3.86
CA VAL A 176 27.45 -5.98 -4.77
C VAL A 176 28.44 -5.86 -5.91
N ARG A 177 28.00 -6.18 -7.15
CA ARG A 177 28.85 -6.06 -8.32
C ARG A 177 29.44 -4.64 -8.35
N LYS A 178 30.77 -4.58 -8.54
CA LYS A 178 31.61 -3.38 -8.66
C LYS A 178 30.95 -2.42 -9.66
N GLU A 179 30.74 -1.16 -9.24
CA GLU A 179 30.07 -0.12 -10.01
C GLU A 179 30.99 0.67 -10.93
N GLU A 180 30.89 0.38 -12.24
CA GLU A 180 31.68 1.02 -13.31
C GLU A 180 30.81 1.34 -14.53
N SER A 211 19.17 34.30 -15.46
CA SER A 211 18.38 34.29 -14.24
C SER A 211 16.90 34.58 -14.51
N LEU A 212 16.01 33.89 -13.77
CA LEU A 212 14.57 33.98 -13.94
C LEU A 212 13.84 35.05 -13.10
N TRP A 213 14.38 35.38 -11.90
CA TRP A 213 13.83 36.40 -11.00
C TRP A 213 14.07 37.82 -11.53
N ASP A 214 14.48 37.92 -12.80
CA ASP A 214 14.83 39.17 -13.46
C ASP A 214 13.97 39.55 -14.66
N CYS A 215 13.17 38.62 -15.20
CA CYS A 215 12.28 39.03 -16.27
C CYS A 215 10.82 38.97 -15.95
N ASP A 216 10.20 40.16 -16.04
CA ASP A 216 8.80 40.47 -15.79
C ASP A 216 7.97 40.06 -17.01
N ARG A 217 8.64 39.37 -17.97
CA ARG A 217 8.07 38.79 -19.15
C ARG A 217 6.99 37.87 -18.66
N LYS A 218 5.74 38.13 -19.08
CA LYS A 218 4.61 37.26 -18.73
C LYS A 218 4.93 35.96 -19.45
N PHE A 219 4.59 34.82 -18.84
CA PHE A 219 4.86 33.53 -19.46
C PHE A 219 3.95 33.29 -20.64
N ARG A 220 4.48 32.60 -21.66
CA ARG A 220 3.73 32.26 -22.87
C ARG A 220 4.14 30.93 -23.49
N VAL A 221 3.16 30.21 -24.05
CA VAL A 221 3.36 28.94 -24.75
C VAL A 221 2.77 29.04 -26.16
N LYS A 222 3.53 28.62 -27.17
CA LYS A 222 3.00 28.64 -28.53
C LYS A 222 2.45 27.28 -28.89
N ILE A 223 1.15 27.19 -29.19
CA ILE A 223 0.52 25.96 -29.67
C ILE A 223 0.77 25.91 -31.18
N ARG A 224 1.44 24.86 -31.67
CA ARG A 224 1.63 24.69 -33.12
C ARG A 224 0.33 24.09 -33.62
N GLY A 225 -0.10 23.01 -32.96
CA GLY A 225 -1.33 22.27 -33.24
C GLY A 225 -1.32 20.85 -32.73
N ILE A 226 -2.46 20.17 -32.92
CA ILE A 226 -2.71 18.79 -32.56
C ILE A 226 -2.91 17.99 -33.83
N ASP A 227 -2.94 16.66 -33.71
CA ASP A 227 -3.13 15.73 -34.81
C ASP A 227 -3.31 14.30 -34.33
N ILE A 228 -4.56 13.83 -34.32
CA ILE A 228 -4.81 12.45 -33.95
C ILE A 228 -4.61 11.60 -35.20
N PRO A 229 -3.76 10.54 -35.17
CA PRO A 229 -3.60 9.70 -36.37
C PRO A 229 -4.91 9.12 -36.93
N VAL A 230 -6.04 9.14 -36.14
CA VAL A 230 -7.38 8.59 -36.49
C VAL A 230 -8.57 9.09 -35.59
N LEU A 231 -9.56 9.83 -36.17
CA LEU A 231 -10.76 10.28 -35.45
C LEU A 231 -11.53 9.06 -34.88
N LEU A 237 -17.10 16.98 -35.06
CA LEU A 237 -16.98 17.64 -33.77
C LEU A 237 -16.08 18.90 -33.87
N THR A 238 -16.01 19.66 -32.77
CA THR A 238 -15.22 20.88 -32.59
C THR A 238 -14.14 20.58 -31.52
N VAL A 239 -13.00 21.30 -31.56
CA VAL A 239 -11.88 21.00 -30.65
C VAL A 239 -10.97 22.19 -30.27
N PHE A 240 -10.68 22.35 -28.97
CA PHE A 240 -9.77 23.41 -28.49
C PHE A 240 -8.77 22.86 -27.47
N VAL A 241 -7.58 23.49 -27.43
CA VAL A 241 -6.51 23.17 -26.48
C VAL A 241 -6.77 24.01 -25.23
N GLU A 242 -6.41 23.47 -24.07
CA GLU A 242 -6.51 24.16 -22.79
C GLU A 242 -5.14 24.06 -22.11
N ALA A 243 -4.53 25.22 -21.84
CA ALA A 243 -3.23 25.31 -21.20
C ALA A 243 -3.33 25.89 -19.79
N ASN A 244 -2.90 25.10 -18.80
CA ASN A 244 -2.92 25.45 -17.39
C ASN A 244 -1.52 25.42 -16.82
N ILE A 245 -1.26 26.35 -15.92
CA ILE A 245 0.00 26.44 -15.22
C ILE A 245 -0.32 26.01 -13.77
N GLN A 246 -0.09 24.74 -13.46
CA GLN A 246 -0.45 24.19 -12.15
C GLN A 246 0.71 24.03 -11.23
N HIS A 247 0.41 23.98 -9.94
CA HIS A 247 1.36 23.74 -8.85
C HIS A 247 0.55 23.18 -7.68
N GLY A 248 0.75 21.90 -7.39
CA GLY A 248 0.11 21.14 -6.32
C GLY A 248 -1.40 21.18 -6.34
N GLN A 249 -2.01 20.82 -7.51
CA GLN A 249 -3.46 20.78 -7.74
C GLN A 249 -4.11 22.19 -7.59
N GLN A 250 -3.28 23.23 -7.71
CA GLN A 250 -3.67 24.62 -7.56
C GLN A 250 -3.35 25.32 -8.90
N VAL A 251 -4.41 25.63 -9.68
CA VAL A 251 -4.31 26.27 -10.99
C VAL A 251 -3.90 27.73 -10.78
N LEU A 252 -2.76 28.12 -11.37
CA LEU A 252 -2.24 29.47 -11.28
C LEU A 252 -2.85 30.36 -12.34
N CYS A 253 -2.88 29.88 -13.61
CA CYS A 253 -3.46 30.60 -14.72
C CYS A 253 -3.98 29.63 -15.76
N GLN A 254 -4.95 30.09 -16.53
CA GLN A 254 -5.59 29.33 -17.56
C GLN A 254 -5.77 30.20 -18.79
N ARG A 255 -5.72 29.55 -19.97
CA ARG A 255 -5.91 30.09 -21.31
C ARG A 255 -6.45 28.98 -22.18
N ARG A 256 -7.00 29.32 -23.35
CA ARG A 256 -7.53 28.37 -24.32
C ARG A 256 -7.16 28.83 -25.73
N THR A 257 -7.72 28.18 -26.73
CA THR A 257 -7.53 28.51 -28.13
C THR A 257 -8.90 28.50 -28.79
N SER A 258 -9.09 29.31 -29.85
CA SER A 258 -10.33 29.34 -30.63
C SER A 258 -10.59 27.91 -31.14
N PRO A 259 -11.80 27.35 -30.93
CA PRO A 259 -12.05 25.96 -31.36
C PRO A 259 -12.02 25.87 -32.88
N LYS A 260 -11.64 24.70 -33.38
CA LYS A 260 -11.53 24.44 -34.80
C LYS A 260 -12.02 23.02 -35.15
N PRO A 261 -12.60 22.79 -36.35
CA PRO A 261 -13.11 21.44 -36.69
C PRO A 261 -12.15 20.29 -36.39
N PHE A 262 -12.69 19.23 -35.75
CA PHE A 262 -11.95 18.04 -35.34
C PHE A 262 -11.56 17.17 -36.53
N THR A 263 -10.31 17.33 -36.98
CA THR A 263 -9.76 16.56 -38.10
C THR A 263 -8.44 15.89 -37.69
N GLU A 264 -7.94 14.98 -38.56
CA GLU A 264 -6.69 14.19 -38.43
C GLU A 264 -5.49 15.07 -38.12
N GLU A 265 -5.63 16.37 -38.42
CA GLU A 265 -4.65 17.42 -38.18
C GLU A 265 -5.36 18.75 -37.94
N VAL A 266 -5.06 19.42 -36.81
CA VAL A 266 -5.63 20.72 -36.43
C VAL A 266 -4.48 21.65 -36.02
N LEU A 267 -4.29 22.74 -36.77
CA LEU A 267 -3.27 23.73 -36.50
C LEU A 267 -3.88 24.99 -35.85
N TRP A 268 -3.02 25.84 -35.26
CA TRP A 268 -3.39 27.07 -34.58
C TRP A 268 -2.37 28.16 -34.78
N ASN A 269 -1.10 27.86 -34.46
CA ASN A 269 0.08 28.73 -34.53
C ASN A 269 -0.10 29.99 -33.65
N VAL A 270 -0.78 29.80 -32.49
CA VAL A 270 -1.11 30.85 -31.52
C VAL A 270 -0.12 30.91 -30.37
N TRP A 271 0.01 32.09 -29.75
CA TRP A 271 0.82 32.30 -28.55
C TRP A 271 -0.15 32.59 -27.41
N LEU A 272 -0.11 31.76 -26.38
CA LEU A 272 -1.00 31.91 -25.23
C LEU A 272 -0.26 32.66 -24.17
N GLU A 273 -0.56 33.95 -24.03
CA GLU A 273 0.13 34.72 -23.00
C GLU A 273 -0.57 34.56 -21.68
N PHE A 274 0.14 33.98 -20.71
CA PHE A 274 -0.40 33.81 -19.38
C PHE A 274 -0.21 35.08 -18.57
N SER A 275 -0.73 35.10 -17.33
CA SER A 275 -0.66 36.25 -16.42
C SER A 275 0.47 36.14 -15.39
N ILE A 276 1.09 34.96 -15.28
CA ILE A 276 2.19 34.67 -14.35
C ILE A 276 3.50 35.16 -14.98
N LYS A 277 4.24 36.04 -14.27
CA LYS A 277 5.53 36.53 -14.73
C LYS A 277 6.50 35.33 -14.69
N ILE A 278 7.48 35.27 -15.63
CA ILE A 278 8.44 34.16 -15.75
C ILE A 278 9.04 33.88 -14.35
N LYS A 279 9.44 34.98 -13.66
CA LYS A 279 10.04 35.10 -12.31
C LYS A 279 9.18 34.58 -11.17
N ASP A 280 7.86 34.45 -11.46
CA ASP A 280 6.88 33.99 -10.50
C ASP A 280 6.61 32.48 -10.58
N LEU A 281 7.09 31.81 -11.65
CA LEU A 281 6.93 30.38 -11.85
C LEU A 281 7.63 29.63 -10.74
N PRO A 282 6.89 28.86 -9.94
CA PRO A 282 7.55 28.13 -8.84
C PRO A 282 8.15 26.84 -9.38
N LYS A 283 9.23 26.34 -8.75
CA LYS A 283 9.77 25.04 -9.15
C LYS A 283 8.70 23.99 -8.78
N GLY A 284 8.52 23.03 -9.66
CA GLY A 284 7.51 22.00 -9.51
C GLY A 284 6.26 22.32 -10.30
N ALA A 285 6.17 23.58 -10.86
CA ALA A 285 5.05 24.04 -11.70
C ALA A 285 5.02 23.22 -12.98
N LEU A 286 3.81 22.83 -13.39
CA LEU A 286 3.54 22.02 -14.57
C LEU A 286 2.73 22.78 -15.59
N LEU A 287 3.07 22.61 -16.88
CA LEU A 287 2.24 23.08 -17.98
C LEU A 287 1.35 21.87 -18.30
N ASN A 288 0.07 21.99 -17.98
CA ASN A 288 -0.90 20.93 -18.24
C ASN A 288 -1.73 21.30 -19.47
N LEU A 289 -1.59 20.49 -20.53
CA LEU A 289 -2.33 20.66 -21.79
C LEU A 289 -3.45 19.63 -21.88
N GLN A 290 -4.67 20.11 -22.19
CA GLN A 290 -5.86 19.26 -22.29
C GLN A 290 -6.66 19.50 -23.60
N ILE A 291 -7.47 18.51 -24.04
CA ILE A 291 -8.25 18.59 -25.29
C ILE A 291 -9.73 18.28 -25.07
N TYR A 292 -10.59 19.30 -25.22
CA TYR A 292 -12.03 19.12 -25.07
C TYR A 292 -12.74 19.17 -26.43
N CYS A 293 -14.05 18.81 -26.43
CA CYS A 293 -14.89 18.84 -27.63
C CYS A 293 -16.33 19.33 -27.34
N VAL A 316 -18.95 20.73 -23.79
CA VAL A 316 -17.52 20.46 -23.69
C VAL A 316 -17.20 19.18 -22.92
N GLN A 317 -16.29 18.34 -23.47
CA GLN A 317 -15.88 17.07 -22.88
C GLN A 317 -14.36 16.79 -23.10
N LEU A 318 -13.64 16.38 -22.03
CA LEU A 318 -12.20 16.08 -22.05
C LEU A 318 -11.82 14.79 -22.79
N LEU A 319 -10.75 14.85 -23.59
CA LEU A 319 -10.28 13.71 -24.38
C LEU A 319 -8.84 13.33 -24.15
N TYR A 320 -7.95 14.32 -24.09
CA TYR A 320 -6.52 14.09 -23.95
C TYR A 320 -5.89 15.06 -22.98
N TYR A 321 -4.71 14.69 -22.48
CA TYR A 321 -3.92 15.49 -21.59
C TYR A 321 -2.47 15.00 -21.59
N VAL A 322 -1.54 15.92 -21.31
CA VAL A 322 -0.10 15.68 -21.20
C VAL A 322 0.48 16.78 -20.28
N ASN A 323 1.65 16.52 -19.68
CA ASN A 323 2.27 17.46 -18.78
C ASN A 323 3.73 17.68 -19.07
N LEU A 324 4.15 18.93 -18.87
CA LEU A 324 5.50 19.38 -19.04
C LEU A 324 5.94 20.24 -17.87
N LEU A 325 7.06 19.89 -17.24
CA LEU A 325 7.62 20.63 -16.12
C LEU A 325 8.34 21.84 -16.67
N LEU A 326 7.73 23.03 -16.45
CA LEU A 326 8.18 24.34 -16.91
C LEU A 326 9.59 24.64 -16.44
N ILE A 327 9.88 24.33 -15.18
CA ILE A 327 11.21 24.36 -14.60
C ILE A 327 11.66 22.88 -14.63
N ASP A 328 12.89 22.61 -15.06
CA ASP A 328 13.37 21.24 -15.14
C ASP A 328 14.25 20.81 -13.96
N HIS A 329 14.71 19.56 -13.97
CA HIS A 329 15.61 18.92 -12.99
C HIS A 329 16.94 19.66 -12.78
N ARG A 330 17.26 20.59 -13.69
CA ARG A 330 18.47 21.43 -13.66
C ARG A 330 18.16 22.86 -13.24
N PHE A 331 16.90 23.13 -12.82
CA PHE A 331 16.40 24.44 -12.40
C PHE A 331 16.33 25.45 -13.58
N LEU A 332 16.40 24.97 -14.84
CA LEU A 332 16.32 25.85 -15.99
C LEU A 332 14.90 25.91 -16.49
N LEU A 333 14.49 27.10 -17.00
CA LEU A 333 13.21 27.28 -17.65
C LEU A 333 13.26 26.49 -18.97
N ARG A 334 12.13 25.87 -19.31
CA ARG A 334 11.97 25.06 -20.52
C ARG A 334 11.92 25.93 -21.77
N ARG A 335 12.70 25.54 -22.81
CA ARG A 335 12.79 26.23 -24.09
C ARG A 335 12.91 25.22 -25.24
N GLY A 336 12.46 25.63 -26.44
CA GLY A 336 12.50 24.82 -27.66
C GLY A 336 11.17 24.27 -28.13
N GLU A 337 11.21 23.40 -29.16
CA GLU A 337 10.07 22.71 -29.78
C GLU A 337 9.76 21.43 -29.03
N TYR A 338 8.46 21.08 -28.93
CA TYR A 338 8.02 19.88 -28.23
C TYR A 338 6.87 19.17 -28.91
N VAL A 339 7.04 17.85 -29.19
CA VAL A 339 6.01 16.98 -29.77
C VAL A 339 5.69 15.95 -28.69
N LEU A 340 4.51 16.09 -28.05
CA LEU A 340 4.10 15.22 -26.96
C LEU A 340 2.95 14.34 -27.32
N HIS A 341 3.09 13.02 -27.04
CA HIS A 341 2.04 12.04 -27.26
C HIS A 341 1.16 11.98 -26.03
N MET A 342 -0.10 12.35 -26.22
CA MET A 342 -1.07 12.51 -25.18
C MET A 342 -1.83 11.28 -24.75
N TRP A 343 -2.07 11.19 -23.43
CA TRP A 343 -2.80 10.12 -22.79
C TRP A 343 -4.27 10.33 -23.05
N GLN A 344 -4.99 9.24 -23.24
CA GLN A 344 -6.42 9.32 -23.47
C GLN A 344 -7.16 9.33 -22.12
N ILE A 345 -8.48 9.45 -22.21
CA ILE A 345 -9.46 9.42 -21.14
C ILE A 345 -10.41 8.24 -21.43
N SER A 346 -10.75 7.49 -20.40
CA SER A 346 -11.67 6.36 -20.48
C SER A 346 -13.06 6.77 -19.92
N GLY A 347 -13.98 5.81 -19.86
CA GLY A 347 -15.34 5.99 -19.37
C GLY A 347 -16.38 5.89 -20.47
N PHE A 355 -8.53 14.33 -10.04
CA PHE A 355 -9.23 13.13 -9.60
C PHE A 355 -8.24 12.03 -9.23
N ASN A 356 -7.55 11.43 -10.20
CA ASN A 356 -6.56 10.40 -9.89
C ASN A 356 -5.13 10.79 -10.28
N ALA A 357 -4.14 10.14 -9.62
CA ALA A 357 -2.70 10.32 -9.72
C ALA A 357 -2.06 10.28 -11.11
N ASP A 358 -2.67 9.57 -12.07
CA ASP A 358 -2.15 9.46 -13.45
C ASP A 358 -2.16 10.78 -14.20
N LYS A 359 -3.21 11.58 -13.98
CA LYS A 359 -3.44 12.90 -14.55
C LYS A 359 -2.32 13.93 -14.27
N LEU A 360 -1.38 13.61 -13.36
CA LEU A 360 -0.27 14.49 -12.96
C LEU A 360 1.09 14.13 -13.54
N THR A 361 1.20 12.97 -14.21
CA THR A 361 2.46 12.45 -14.74
C THR A 361 3.24 13.37 -15.69
N SER A 362 4.58 13.39 -15.57
CA SER A 362 5.47 14.14 -16.46
C SER A 362 5.76 13.24 -17.69
N ALA A 363 5.33 11.96 -17.61
CA ALA A 363 5.49 10.93 -18.64
C ALA A 363 4.50 11.09 -19.77
N THR A 364 5.01 10.95 -21.00
CA THR A 364 4.28 11.05 -22.26
C THR A 364 3.90 9.66 -22.72
N ASN A 365 2.80 9.51 -23.48
CA ASN A 365 2.33 8.23 -23.97
C ASN A 365 3.37 7.51 -24.85
N PRO A 366 3.74 6.23 -24.52
CA PRO A 366 4.74 5.51 -25.35
C PRO A 366 4.21 5.10 -26.70
N ASP A 367 2.89 4.87 -26.78
CA ASP A 367 2.16 4.45 -27.97
C ASP A 367 2.14 5.62 -28.95
N LYS A 368 3.24 5.77 -29.71
CA LYS A 368 3.39 6.85 -30.69
C LYS A 368 2.47 6.74 -31.91
N GLU A 369 1.80 5.58 -32.08
CA GLU A 369 0.88 5.36 -33.19
C GLU A 369 -0.51 5.93 -32.87
N ASN A 370 -1.42 5.11 -32.29
CA ASN A 370 -2.81 5.41 -31.89
C ASN A 370 -3.02 6.78 -31.26
N SER A 371 -2.25 7.08 -30.20
CA SER A 371 -2.29 8.30 -29.37
C SER A 371 -2.21 9.62 -30.12
N MET A 372 -2.96 10.61 -29.59
CA MET A 372 -3.00 12.01 -30.01
C MET A 372 -1.64 12.62 -29.72
N SER A 373 -1.26 13.60 -30.53
CA SER A 373 0.00 14.31 -30.36
C SER A 373 -0.23 15.81 -30.31
N ILE A 374 0.75 16.57 -29.77
CA ILE A 374 0.70 18.02 -29.66
C ILE A 374 2.08 18.64 -29.87
N SER A 375 2.14 19.66 -30.73
CA SER A 375 3.36 20.39 -31.01
C SER A 375 3.21 21.77 -30.40
N ILE A 376 4.26 22.19 -29.70
CA ILE A 376 4.31 23.47 -29.01
C ILE A 376 5.71 24.10 -29.16
N LEU A 377 5.88 25.31 -28.62
CA LEU A 377 7.14 26.06 -28.67
C LEU A 377 7.33 26.95 -27.45
N LEU A 378 8.54 26.88 -26.86
CA LEU A 378 8.93 27.68 -25.70
C LEU A 378 10.08 28.62 -26.01
N ASP A 379 9.76 29.91 -26.02
CA ASP A 379 10.62 31.10 -26.07
C ASP A 379 12.00 31.03 -26.76
N ASN A 380 12.94 30.20 -26.21
CA ASN A 380 14.36 30.03 -26.58
C ASN A 380 15.10 31.36 -26.30
N ILE A 385 17.82 30.47 -19.01
CA ILE A 385 17.25 31.19 -17.87
C ILE A 385 17.12 30.22 -16.66
N ALA A 386 18.10 30.29 -15.74
CA ALA A 386 18.18 29.43 -14.55
C ALA A 386 17.56 30.05 -13.30
N LEU A 387 16.98 29.19 -12.42
CA LEU A 387 16.35 29.58 -11.16
C LEU A 387 17.32 29.41 -9.98
N PRO A 388 17.48 30.44 -9.11
CA PRO A 388 18.40 30.30 -7.97
C PRO A 388 17.88 29.34 -6.90
N ARG A 402 5.48 37.63 15.23
CA ARG A 402 6.43 38.34 16.09
C ARG A 402 5.71 39.26 17.11
N ALA A 403 4.38 39.35 17.02
CA ALA A 403 3.55 40.18 17.90
C ALA A 403 2.48 39.38 18.65
N GLU A 404 1.44 40.10 19.15
CA GLU A 404 0.30 39.52 19.86
C GLU A 404 -0.84 39.11 18.92
N MET A 405 -1.88 38.51 19.48
CA MET A 405 -3.06 38.06 18.79
C MET A 405 -4.28 38.25 19.69
N PRO A 406 -5.39 38.86 19.18
CA PRO A 406 -6.60 39.06 19.99
C PRO A 406 -7.09 37.86 20.82
N ASN A 407 -8.30 37.37 20.59
CA ASN A 407 -8.81 36.24 21.37
C ASN A 407 -9.83 35.50 20.56
N GLN A 408 -10.70 36.26 19.86
CA GLN A 408 -11.69 35.74 18.92
C GLN A 408 -10.92 35.13 17.74
N LEU A 409 -9.82 35.80 17.32
CA LEU A 409 -8.95 35.36 16.25
C LEU A 409 -8.21 34.10 16.61
N ARG A 410 -7.64 34.02 17.85
CA ARG A 410 -6.91 32.85 18.34
C ARG A 410 -7.82 31.62 18.26
N LYS A 411 -9.06 31.79 18.72
CA LYS A 411 -10.09 30.77 18.73
C LYS A 411 -10.58 30.44 17.32
N GLN A 412 -10.44 31.38 16.36
CA GLN A 412 -10.77 31.15 14.95
C GLN A 412 -9.66 30.29 14.31
N LEU A 413 -8.39 30.58 14.67
CA LEU A 413 -7.20 29.85 14.18
C LEU A 413 -7.28 28.40 14.66
N GLU A 414 -7.47 28.20 15.98
CA GLU A 414 -7.59 26.90 16.64
C GLU A 414 -8.71 26.05 16.04
N ALA A 415 -9.88 26.67 15.74
CA ALA A 415 -11.03 26.03 15.10
C ALA A 415 -10.64 25.46 13.71
N ILE A 416 -9.70 26.13 13.03
CA ILE A 416 -9.15 25.74 11.73
C ILE A 416 -8.02 24.68 11.87
N ILE A 417 -7.04 24.88 12.78
CA ILE A 417 -5.92 23.93 12.99
C ILE A 417 -6.47 22.53 13.38
N ALA A 418 -7.66 22.50 14.02
CA ALA A 418 -8.32 21.28 14.48
C ALA A 418 -9.07 20.51 13.41
N THR A 419 -9.76 21.24 12.51
CA THR A 419 -10.56 20.67 11.41
C THR A 419 -9.81 19.58 10.63
N ASP A 420 -10.49 18.47 10.32
CA ASP A 420 -9.91 17.30 9.66
C ASP A 420 -9.19 17.60 8.31
N PRO A 421 -8.38 16.67 7.77
CA PRO A 421 -7.66 16.95 6.50
C PRO A 421 -8.54 17.31 5.31
N LEU A 422 -9.75 16.69 5.21
CA LEU A 422 -10.66 16.89 4.07
C LEU A 422 -11.60 18.08 4.15
N ASN A 423 -11.70 18.74 5.33
CA ASN A 423 -12.52 19.94 5.49
C ASN A 423 -11.87 21.08 4.68
N PRO A 424 -12.61 21.69 3.74
CA PRO A 424 -12.02 22.74 2.89
C PRO A 424 -11.59 24.00 3.64
N LEU A 425 -10.89 24.90 2.95
CA LEU A 425 -10.42 26.16 3.49
C LEU A 425 -11.02 27.30 2.70
N THR A 426 -11.78 28.19 3.38
CA THR A 426 -12.34 29.39 2.76
C THR A 426 -11.17 30.36 2.54
N ALA A 427 -11.30 31.29 1.56
CA ALA A 427 -10.27 32.30 1.28
C ALA A 427 -9.98 33.12 2.57
N GLU A 428 -11.01 33.29 3.44
CA GLU A 428 -10.95 33.91 4.76
C GLU A 428 -10.05 33.11 5.72
N ASP A 429 -10.20 31.75 5.77
CA ASP A 429 -9.38 30.82 6.57
C ASP A 429 -7.92 30.91 6.17
N LYS A 430 -7.65 30.97 4.84
CA LYS A 430 -6.32 31.05 4.23
C LYS A 430 -5.58 32.33 4.57
N GLU A 431 -6.20 33.50 4.31
CA GLU A 431 -5.62 34.82 4.63
C GLU A 431 -5.32 34.91 6.12
N LEU A 432 -6.12 34.18 6.94
CA LEU A 432 -5.97 34.07 8.39
C LEU A 432 -4.73 33.25 8.75
N LEU A 433 -4.60 31.99 8.23
CA LEU A 433 -3.44 31.11 8.47
C LEU A 433 -2.17 31.82 8.10
N TRP A 434 -2.18 32.51 6.92
CA TRP A 434 -1.06 33.28 6.39
C TRP A 434 -0.70 34.48 7.25
N HIS A 435 -1.66 35.36 7.59
CA HIS A 435 -1.39 36.53 8.43
C HIS A 435 -0.78 36.14 9.79
N PHE A 436 -1.34 35.12 10.45
CA PHE A 436 -0.78 34.58 11.69
C PHE A 436 0.07 33.34 11.42
N ARG A 437 0.92 33.38 10.37
CA ARG A 437 1.78 32.24 10.02
C ARG A 437 2.75 31.86 11.12
N TYR A 438 3.33 32.85 11.82
CA TYR A 438 4.26 32.63 12.93
C TYR A 438 3.62 31.98 14.15
N GLU A 439 2.33 32.28 14.40
CA GLU A 439 1.54 31.66 15.47
C GLU A 439 1.09 30.27 15.03
N SER A 440 0.94 30.07 13.70
CA SER A 440 0.54 28.80 13.08
C SER A 440 1.73 27.81 13.01
N LEU A 441 2.97 28.32 13.13
CA LEU A 441 4.19 27.51 13.08
C LEU A 441 4.46 26.72 14.38
N LYS A 442 3.97 27.24 15.51
CA LYS A 442 4.11 26.62 16.83
C LYS A 442 3.27 25.35 16.96
N HIS A 443 2.32 25.15 16.02
CA HIS A 443 1.39 24.02 15.99
C HIS A 443 1.66 23.10 14.79
N PRO A 444 2.34 21.93 14.98
CA PRO A 444 2.61 21.03 13.84
C PRO A 444 1.36 20.67 13.03
N LYS A 445 0.18 20.51 13.69
CA LYS A 445 -1.11 20.21 13.05
C LYS A 445 -1.61 21.30 12.07
N ALA A 446 -0.95 22.47 12.08
CA ALA A 446 -1.29 23.58 11.20
C ALA A 446 -0.60 23.51 9.84
N TYR A 447 0.63 22.97 9.78
CA TYR A 447 1.49 22.82 8.60
C TYR A 447 0.75 22.49 7.29
N PRO A 448 -0.01 21.35 7.16
CA PRO A 448 -0.71 21.08 5.89
C PRO A 448 -1.65 22.20 5.47
N LYS A 449 -2.32 22.82 6.45
CA LYS A 449 -3.29 23.90 6.22
C LYS A 449 -2.65 25.23 5.90
N LEU A 450 -1.53 25.54 6.60
CA LEU A 450 -0.76 26.77 6.41
C LEU A 450 -0.06 26.75 5.04
N PHE A 451 0.59 25.63 4.67
CA PHE A 451 1.27 25.47 3.38
C PHE A 451 0.33 25.39 2.18
N SER A 452 -0.96 25.10 2.44
CA SER A 452 -2.05 25.09 1.45
C SER A 452 -2.65 26.50 1.27
N SER A 453 -2.25 27.45 2.13
CA SER A 453 -2.69 28.85 2.12
C SER A 453 -1.64 29.75 1.44
N VAL A 454 -0.59 29.14 0.89
CA VAL A 454 0.50 29.84 0.20
C VAL A 454 0.21 29.98 -1.30
N LYS A 455 0.23 31.22 -1.82
CA LYS A 455 0.06 31.50 -3.25
C LYS A 455 1.46 31.26 -3.83
N TRP A 456 1.69 30.02 -4.32
CA TRP A 456 2.97 29.61 -4.88
C TRP A 456 3.29 30.33 -6.18
N GLY A 457 2.25 30.90 -6.81
CA GLY A 457 2.35 31.68 -8.04
C GLY A 457 2.96 33.07 -7.86
N GLN A 458 3.53 33.35 -6.66
CA GLN A 458 4.19 34.61 -6.34
C GLN A 458 5.57 34.40 -5.68
N GLN A 459 6.64 34.82 -6.38
CA GLN A 459 8.05 34.74 -5.97
C GLN A 459 8.31 35.18 -4.53
N GLU A 460 7.73 36.34 -4.14
CA GLU A 460 7.87 36.94 -2.82
C GLU A 460 7.24 36.14 -1.68
N ILE A 461 6.09 35.48 -1.94
CA ILE A 461 5.40 34.65 -0.94
C ILE A 461 6.23 33.41 -0.61
N VAL A 462 6.64 32.65 -1.66
CA VAL A 462 7.52 31.47 -1.60
C VAL A 462 8.81 31.83 -0.82
N ALA A 463 9.37 33.05 -1.10
CA ALA A 463 10.56 33.60 -0.45
C ALA A 463 10.38 33.64 1.08
N LYS A 464 9.23 34.19 1.56
CA LYS A 464 8.84 34.26 2.98
C LYS A 464 8.49 32.87 3.53
N THR A 465 7.89 32.00 2.68
CA THR A 465 7.53 30.61 3.01
C THR A 465 8.81 29.84 3.37
N TYR A 466 9.92 30.11 2.66
CA TYR A 466 11.21 29.47 2.91
C TYR A 466 11.89 30.01 4.14
N GLN A 467 11.64 31.29 4.46
CA GLN A 467 12.11 31.94 5.68
C GLN A 467 11.35 31.34 6.86
N LEU A 468 10.10 30.89 6.60
CA LEU A 468 9.22 30.21 7.55
C LEU A 468 9.73 28.79 7.82
N LEU A 469 10.22 28.10 6.75
CA LEU A 469 10.79 26.75 6.82
C LEU A 469 12.13 26.71 7.56
N ALA A 470 12.78 27.88 7.70
CA ALA A 470 14.03 28.07 8.42
C ALA A 470 13.85 28.06 9.95
N ARG A 471 12.63 28.34 10.43
CA ARG A 471 12.26 28.36 11.86
C ARG A 471 11.49 27.08 12.24
N ARG A 472 12.00 25.95 11.76
CA ARG A 472 11.39 24.63 11.97
C ARG A 472 11.59 23.98 13.35
N GLU A 473 12.26 24.68 14.29
CA GLU A 473 12.55 24.22 15.65
C GLU A 473 11.44 23.38 16.28
N VAL A 474 10.18 23.89 16.22
CA VAL A 474 8.97 23.26 16.78
C VAL A 474 8.61 21.97 16.04
N TRP A 475 8.57 22.02 14.69
CA TRP A 475 8.25 20.89 13.84
C TRP A 475 9.26 19.75 14.05
N ASP A 476 10.58 20.05 13.87
CA ASP A 476 11.72 19.14 14.06
C ASP A 476 11.74 18.51 15.46
N GLN A 477 11.31 19.29 16.47
CA GLN A 477 11.21 18.92 17.87
C GLN A 477 10.15 17.88 18.14
N SER A 478 8.86 18.18 17.79
CA SER A 478 7.66 17.35 17.96
C SER A 478 7.84 15.86 17.63
N ALA A 479 7.09 14.99 18.32
CA ALA A 479 7.14 13.55 18.06
C ALA A 479 6.56 13.29 16.68
N LEU A 480 7.08 12.25 16.00
CA LEU A 480 6.63 11.90 14.67
C LEU A 480 5.14 11.55 14.62
N ASP A 481 4.44 12.23 13.71
CA ASP A 481 3.01 12.04 13.45
C ASP A 481 2.89 11.62 11.98
N VAL A 482 2.63 10.31 11.73
CA VAL A 482 2.49 9.72 10.39
C VAL A 482 1.35 10.36 9.59
N GLY A 483 0.21 10.58 10.26
CA GLY A 483 -0.98 11.24 9.73
C GLY A 483 -0.68 12.60 9.17
N LEU A 484 0.14 13.36 9.90
CA LEU A 484 0.63 14.70 9.53
C LEU A 484 1.68 14.60 8.43
N THR A 485 2.58 13.61 8.52
CA THR A 485 3.65 13.37 7.56
C THR A 485 3.13 13.03 6.16
N MET A 486 2.15 12.11 6.09
CA MET A 486 1.50 11.65 4.84
C MET A 486 0.81 12.79 4.11
N GLN A 487 0.22 13.73 4.87
CA GLN A 487 -0.51 14.88 4.37
C GLN A 487 0.33 15.80 3.52
N LEU A 488 1.57 16.09 3.93
CA LEU A 488 2.49 16.95 3.21
C LEU A 488 3.06 16.24 1.99
N LEU A 489 2.69 14.95 1.81
CA LEU A 489 3.15 14.09 0.72
C LEU A 489 2.12 13.82 -0.37
N ASP A 490 0.85 14.24 -0.17
CA ASP A 490 -0.18 14.06 -1.18
C ASP A 490 -0.07 15.00 -2.39
N CYS A 491 -1.09 14.96 -3.24
CA CYS A 491 -1.27 15.72 -4.47
C CYS A 491 -1.35 17.24 -4.21
N ASN A 492 -1.61 17.66 -2.96
CA ASN A 492 -1.74 19.07 -2.58
C ASN A 492 -0.44 19.85 -2.39
N PHE A 493 0.70 19.16 -2.28
CA PHE A 493 1.97 19.82 -2.03
C PHE A 493 2.98 19.40 -3.09
N SER A 494 3.28 20.34 -4.01
CA SER A 494 4.20 20.16 -5.13
C SER A 494 5.55 20.85 -4.87
N ASP A 495 5.65 21.60 -3.76
CA ASP A 495 6.90 22.25 -3.42
C ASP A 495 7.87 21.22 -2.82
N GLU A 496 9.08 21.16 -3.42
CA GLU A 496 10.21 20.31 -3.08
C GLU A 496 10.57 20.37 -1.59
N ASN A 497 10.64 21.60 -1.03
CA ASN A 497 10.98 21.88 0.37
C ASN A 497 9.99 21.39 1.42
N VAL A 498 8.68 21.70 1.26
CA VAL A 498 7.63 21.26 2.19
C VAL A 498 7.69 19.74 2.31
N ARG A 499 7.63 19.06 1.16
CA ARG A 499 7.68 17.61 1.04
C ARG A 499 8.92 17.04 1.76
N ALA A 500 10.12 17.60 1.48
CA ALA A 500 11.42 17.22 2.09
C ALA A 500 11.38 17.17 3.62
N ILE A 501 10.77 18.20 4.28
CA ILE A 501 10.60 18.27 5.74
C ILE A 501 9.78 17.10 6.28
N ALA A 502 8.72 16.68 5.53
CA ALA A 502 7.88 15.54 5.88
C ALA A 502 8.71 14.25 5.79
N VAL A 503 9.50 14.07 4.68
CA VAL A 503 10.42 12.94 4.45
C VAL A 503 11.47 12.87 5.58
N GLN A 504 11.91 14.07 6.01
CA GLN A 504 12.86 14.29 7.09
C GLN A 504 12.28 13.74 8.41
N LYS A 505 10.96 13.90 8.62
CA LYS A 505 10.22 13.37 9.77
C LYS A 505 10.04 11.83 9.69
N LEU A 506 10.18 11.24 8.48
CA LEU A 506 10.10 9.79 8.24
C LEU A 506 11.37 9.04 8.60
N GLU A 507 12.55 9.68 8.47
CA GLU A 507 13.89 9.12 8.77
C GLU A 507 13.96 8.42 10.11
N SER A 508 13.18 8.93 11.08
CA SER A 508 13.05 8.44 12.45
C SER A 508 12.05 7.27 12.62
N LEU A 509 11.52 6.70 11.50
CA LEU A 509 10.65 5.53 11.55
C LEU A 509 11.53 4.31 11.63
N GLU A 510 11.23 3.42 12.58
CA GLU A 510 11.97 2.18 12.65
C GLU A 510 11.37 1.23 11.61
N ASP A 511 12.20 0.29 11.12
CA ASP A 511 11.89 -0.72 10.10
C ASP A 511 10.50 -1.32 10.18
N ASP A 512 10.00 -1.55 11.41
CA ASP A 512 8.68 -2.12 11.68
C ASP A 512 7.56 -1.27 11.08
N ASP A 513 7.60 0.07 11.32
CA ASP A 513 6.64 1.04 10.83
C ASP A 513 6.78 1.38 9.36
N VAL A 514 8.00 1.25 8.78
CA VAL A 514 8.23 1.49 7.34
C VAL A 514 7.37 0.48 6.59
N LEU A 515 7.42 -0.81 7.00
CA LEU A 515 6.62 -1.92 6.46
C LEU A 515 5.11 -1.68 6.50
N HIS A 516 4.62 -0.98 7.54
CA HIS A 516 3.21 -0.60 7.71
C HIS A 516 2.81 0.41 6.63
N TYR A 517 3.68 1.39 6.34
CA TYR A 517 3.43 2.47 5.38
C TYR A 517 4.15 2.36 4.05
N LEU A 518 4.94 1.29 3.83
CA LEU A 518 5.72 1.12 2.59
C LEU A 518 4.89 1.30 1.34
N LEU A 519 3.81 0.51 1.22
CA LEU A 519 2.86 0.52 0.13
C LEU A 519 2.33 1.94 -0.18
N GLN A 520 1.88 2.71 0.84
CA GLN A 520 1.39 4.07 0.60
C GLN A 520 2.47 5.05 0.26
N LEU A 521 3.65 4.91 0.86
CA LEU A 521 4.83 5.78 0.64
C LEU A 521 5.27 5.63 -0.84
N VAL A 522 5.32 4.37 -1.33
CA VAL A 522 5.62 3.98 -2.72
C VAL A 522 4.56 4.59 -3.67
N GLN A 523 3.26 4.54 -3.27
CA GLN A 523 2.15 5.12 -4.05
C GLN A 523 2.23 6.64 -4.06
N ALA A 524 2.79 7.23 -2.98
CA ALA A 524 3.02 8.67 -2.80
C ALA A 524 4.09 9.22 -3.76
N VAL A 525 4.97 8.34 -4.34
CA VAL A 525 6.00 8.69 -5.34
C VAL A 525 5.35 9.29 -6.60
N LYS A 526 4.09 8.91 -6.87
CA LYS A 526 3.28 9.44 -7.97
C LYS A 526 2.94 10.93 -7.85
N PHE A 527 3.04 11.50 -6.63
CA PHE A 527 2.74 12.92 -6.36
C PHE A 527 3.97 13.80 -6.45
N GLU A 528 5.15 13.18 -6.56
CA GLU A 528 6.42 13.86 -6.69
C GLU A 528 6.55 14.52 -8.05
N PRO A 529 6.82 15.85 -8.06
CA PRO A 529 6.95 16.56 -9.34
C PRO A 529 8.14 16.05 -10.14
N TYR A 530 9.22 15.62 -9.45
CA TYR A 530 10.46 15.12 -10.05
C TYR A 530 10.76 13.66 -9.77
N HIS A 531 11.51 13.02 -10.72
CA HIS A 531 11.96 11.63 -10.68
C HIS A 531 12.85 11.35 -9.48
N ASP A 532 13.74 12.30 -9.17
CA ASP A 532 14.60 12.22 -8.01
C ASP A 532 13.95 13.07 -6.93
N SER A 533 13.79 12.51 -5.74
CA SER A 533 13.18 13.20 -4.61
C SER A 533 13.66 12.63 -3.28
N ALA A 534 13.43 13.40 -2.19
CA ALA A 534 13.78 13.01 -0.83
C ALA A 534 13.07 11.67 -0.53
N LEU A 535 11.79 11.52 -0.98
CA LEU A 535 10.96 10.32 -0.82
C LEU A 535 11.48 9.13 -1.64
N ALA A 536 11.70 9.31 -2.96
CA ALA A 536 12.21 8.27 -3.88
C ALA A 536 13.52 7.69 -3.34
N ARG A 537 14.46 8.56 -2.91
CA ARG A 537 15.75 8.19 -2.33
C ARG A 537 15.60 7.52 -0.97
N PHE A 538 14.68 8.04 -0.13
CA PHE A 538 14.37 7.52 1.20
C PHE A 538 13.93 6.05 1.10
N LEU A 539 13.03 5.73 0.15
CA LEU A 539 12.53 4.38 -0.05
C LEU A 539 13.67 3.48 -0.46
N LEU A 540 14.58 3.99 -1.34
CA LEU A 540 15.82 3.34 -1.81
C LEU A 540 16.72 2.99 -0.62
N LYS A 541 17.05 3.99 0.27
CA LYS A 541 17.91 3.77 1.45
C LYS A 541 17.32 2.70 2.36
N ARG A 542 16.05 2.87 2.81
CA ARG A 542 15.30 1.93 3.66
C ARG A 542 15.18 0.52 3.07
N GLY A 543 15.05 0.47 1.75
CA GLY A 543 14.98 -0.74 0.93
C GLY A 543 16.30 -1.48 0.90
N LEU A 544 17.44 -0.73 0.80
CA LEU A 544 18.81 -1.30 0.79
C LEU A 544 19.33 -1.68 2.16
N ARG A 545 18.87 -0.98 3.22
CA ARG A 545 19.30 -1.19 4.60
C ARG A 545 18.77 -2.48 5.22
N ASN A 546 17.55 -2.88 4.85
CA ASN A 546 16.88 -4.07 5.38
C ASN A 546 16.31 -4.90 4.24
N LYS A 547 16.59 -6.21 4.24
CA LYS A 547 16.14 -7.20 3.26
C LYS A 547 14.63 -7.36 3.15
N ARG A 548 13.90 -7.29 4.29
CA ARG A 548 12.44 -7.42 4.30
C ARG A 548 11.77 -6.28 3.52
N ILE A 549 12.11 -5.01 3.87
CA ILE A 549 11.60 -3.80 3.25
C ILE A 549 11.95 -3.81 1.74
N GLY A 550 13.17 -4.25 1.43
CA GLY A 550 13.70 -4.41 0.08
C GLY A 550 12.97 -5.40 -0.81
N HIS A 551 12.60 -6.57 -0.25
CA HIS A 551 11.84 -7.63 -0.93
C HIS A 551 10.45 -7.10 -1.30
N PHE A 552 9.77 -6.41 -0.34
CA PHE A 552 8.46 -5.81 -0.55
C PHE A 552 8.50 -4.62 -1.49
N LEU A 553 9.53 -3.74 -1.36
CA LEU A 553 9.76 -2.57 -2.24
C LEU A 553 9.85 -3.04 -3.69
N PHE A 554 10.55 -4.18 -3.92
CA PHE A 554 10.71 -4.79 -5.24
C PHE A 554 9.35 -5.05 -5.93
N TRP A 555 8.48 -5.89 -5.32
CA TRP A 555 7.15 -6.26 -5.84
C TRP A 555 6.20 -5.10 -6.03
N PHE A 556 6.25 -4.12 -5.11
CA PHE A 556 5.41 -2.92 -5.17
C PHE A 556 5.75 -2.14 -6.40
N LEU A 557 7.06 -1.93 -6.65
CA LEU A 557 7.60 -1.27 -7.84
C LEU A 557 7.32 -2.10 -9.07
N ARG A 558 7.60 -3.41 -9.01
CA ARG A 558 7.39 -4.35 -10.11
C ARG A 558 5.94 -4.33 -10.58
N SER A 559 4.99 -4.42 -9.64
CA SER A 559 3.54 -4.36 -9.86
C SER A 559 3.13 -3.10 -10.61
N GLU A 560 3.59 -1.91 -10.15
CA GLU A 560 3.31 -0.61 -10.75
C GLU A 560 3.85 -0.47 -12.17
N ILE A 561 5.08 -0.97 -12.42
CA ILE A 561 5.77 -0.94 -13.72
C ILE A 561 4.97 -1.70 -14.79
N ALA A 562 4.42 -2.87 -14.42
CA ALA A 562 3.68 -3.77 -15.29
C ALA A 562 2.23 -3.39 -15.61
N GLN A 563 1.66 -2.41 -14.89
CA GLN A 563 0.28 -1.99 -15.18
C GLN A 563 0.02 -0.49 -15.17
N SER A 564 1.09 0.31 -15.25
CA SER A 564 1.01 1.76 -15.29
C SER A 564 2.11 2.33 -16.19
N ARG A 565 1.72 2.81 -17.39
CA ARG A 565 2.66 3.43 -18.32
C ARG A 565 2.95 4.88 -17.91
N HIS A 566 2.02 5.48 -17.13
CA HIS A 566 2.11 6.84 -16.59
C HIS A 566 3.26 6.97 -15.59
N TYR A 567 3.56 5.90 -14.86
CA TYR A 567 4.61 5.92 -13.86
C TYR A 567 5.71 4.87 -13.94
N GLN A 568 5.57 3.88 -14.85
CA GLN A 568 6.55 2.79 -15.02
C GLN A 568 8.00 3.27 -15.14
N GLN A 569 8.23 4.33 -15.96
CA GLN A 569 9.54 4.92 -16.23
C GLN A 569 10.25 5.36 -14.97
N ARG A 570 9.62 6.26 -14.20
CA ARG A 570 10.13 6.75 -12.92
C ARG A 570 10.41 5.60 -11.96
N PHE A 571 9.47 4.64 -11.87
CA PHE A 571 9.58 3.47 -11.00
C PHE A 571 10.72 2.54 -11.43
N ALA A 572 10.84 2.27 -12.75
CA ALA A 572 11.89 1.46 -13.38
C ALA A 572 13.29 1.93 -12.94
N VAL A 573 13.54 3.26 -12.94
CA VAL A 573 14.79 3.92 -12.51
C VAL A 573 15.04 3.68 -10.99
N ILE A 574 13.95 3.62 -10.20
CA ILE A 574 14.03 3.39 -8.76
C ILE A 574 14.33 1.91 -8.47
N LEU A 575 13.66 0.98 -9.20
CA LEU A 575 13.90 -0.46 -9.06
C LEU A 575 15.32 -0.81 -9.45
N GLU A 576 15.78 -0.27 -10.61
CA GLU A 576 17.14 -0.47 -11.10
C GLU A 576 18.17 -0.07 -10.06
N ALA A 577 17.95 1.10 -9.42
CA ALA A 577 18.82 1.60 -8.36
C ALA A 577 18.86 0.62 -7.20
N TYR A 578 17.70 0.09 -6.79
CA TYR A 578 17.59 -0.89 -5.72
C TYR A 578 18.34 -2.20 -6.07
N LEU A 579 18.06 -2.78 -7.26
CA LEU A 579 18.66 -4.03 -7.76
C LEU A 579 20.20 -4.04 -7.85
N ARG A 580 20.81 -2.84 -8.01
CA ARG A 580 22.25 -2.64 -8.10
C ARG A 580 22.94 -2.44 -6.73
N GLY A 581 22.20 -2.69 -5.67
CA GLY A 581 22.72 -2.57 -4.31
C GLY A 581 22.10 -3.52 -3.30
N CYS A 582 21.18 -4.38 -3.75
CA CYS A 582 20.50 -5.33 -2.87
C CYS A 582 21.40 -6.53 -2.54
N GLY A 583 22.34 -6.80 -3.45
CA GLY A 583 23.29 -7.90 -3.38
C GLY A 583 22.95 -8.98 -4.38
N THR A 584 23.89 -9.90 -4.63
CA THR A 584 23.70 -11.01 -5.56
C THR A 584 22.79 -12.08 -4.97
N ALA A 585 22.76 -12.18 -3.61
CA ALA A 585 21.94 -13.10 -2.83
C ALA A 585 20.48 -12.89 -3.20
N MET A 586 19.97 -11.65 -2.99
CA MET A 586 18.60 -11.24 -3.30
C MET A 586 18.35 -11.12 -4.78
N LEU A 587 19.38 -10.65 -5.54
CA LEU A 587 19.31 -10.56 -7.02
C LEU A 587 19.04 -11.93 -7.62
N HIS A 588 19.43 -12.98 -6.89
CA HIS A 588 19.21 -14.37 -7.29
C HIS A 588 17.79 -14.85 -6.96
N ASP A 589 17.26 -14.52 -5.76
CA ASP A 589 15.91 -14.91 -5.33
C ASP A 589 14.86 -14.25 -6.21
N PHE A 590 15.01 -12.93 -6.49
CA PHE A 590 14.11 -12.21 -7.38
C PHE A 590 14.05 -12.88 -8.75
N THR A 591 15.16 -13.49 -9.21
CA THR A 591 15.23 -14.23 -10.49
C THR A 591 14.36 -15.49 -10.42
N GLN A 592 14.52 -16.30 -9.33
CA GLN A 592 13.75 -17.53 -9.11
C GLN A 592 12.27 -17.25 -9.04
N GLN A 593 11.90 -16.19 -8.31
CA GLN A 593 10.53 -15.72 -8.12
C GLN A 593 9.90 -15.33 -9.45
N VAL A 594 10.58 -14.44 -10.23
CA VAL A 594 10.13 -13.99 -11.55
C VAL A 594 9.91 -15.19 -12.50
N GLN A 595 10.89 -16.11 -12.55
CA GLN A 595 10.80 -17.35 -13.34
C GLN A 595 9.55 -18.15 -12.96
N VAL A 596 9.38 -18.47 -11.65
CA VAL A 596 8.27 -19.24 -11.08
C VAL A 596 6.91 -18.61 -11.40
N ILE A 597 6.72 -17.33 -11.08
CA ILE A 597 5.47 -16.62 -11.30
C ILE A 597 5.07 -16.52 -12.76
N GLU A 598 6.05 -16.32 -13.66
CA GLU A 598 5.80 -16.16 -15.09
C GLU A 598 5.30 -17.43 -15.77
N MET A 599 5.74 -18.58 -15.26
CA MET A 599 5.34 -19.90 -15.74
C MET A 599 3.89 -20.13 -15.33
N LEU A 600 3.55 -19.84 -14.06
CA LEU A 600 2.22 -19.98 -13.47
C LEU A 600 1.17 -19.11 -14.12
N GLN A 601 1.54 -17.85 -14.46
CA GLN A 601 0.70 -16.88 -15.13
C GLN A 601 0.27 -17.43 -16.49
N LYS A 602 1.25 -17.93 -17.27
CA LYS A 602 1.09 -18.55 -18.58
C LYS A 602 0.04 -19.67 -18.50
N VAL A 603 0.14 -20.52 -17.44
CA VAL A 603 -0.76 -21.63 -17.13
C VAL A 603 -2.17 -21.10 -16.80
N THR A 604 -2.27 -19.96 -16.10
CA THR A 604 -3.56 -19.33 -15.76
C THR A 604 -4.25 -18.82 -17.03
N LEU A 605 -3.54 -18.02 -17.85
CA LEU A 605 -4.00 -17.41 -19.09
C LEU A 605 -4.47 -18.42 -20.12
N ASP A 606 -3.79 -19.58 -20.20
CA ASP A 606 -4.11 -20.65 -21.14
C ASP A 606 -5.32 -21.49 -20.70
N ILE A 607 -5.37 -21.93 -19.43
CA ILE A 607 -6.47 -22.71 -18.82
C ILE A 607 -7.74 -21.82 -18.78
N LYS A 608 -7.53 -20.49 -18.71
CA LYS A 608 -8.55 -19.45 -18.75
C LYS A 608 -9.28 -19.43 -20.11
N SER A 609 -8.50 -19.50 -21.22
CA SER A 609 -9.00 -19.49 -22.60
C SER A 609 -9.71 -20.80 -23.00
N LEU A 610 -9.15 -21.97 -22.61
CA LEU A 610 -9.70 -23.30 -22.90
C LEU A 610 -10.99 -23.60 -22.09
N SER A 611 -11.80 -22.55 -21.83
CA SER A 611 -13.05 -22.60 -21.07
C SER A 611 -13.98 -21.42 -21.42
N SER A 618 -15.21 -27.42 -16.85
CA SER A 618 -15.43 -28.87 -16.82
C SER A 618 -14.36 -29.58 -15.97
N SER A 619 -14.29 -30.93 -16.10
CA SER A 619 -13.29 -31.80 -15.46
C SER A 619 -12.27 -32.26 -16.51
N GLN A 620 -12.55 -31.96 -17.81
CA GLN A 620 -11.69 -32.20 -18.95
C GLN A 620 -10.50 -31.22 -18.80
N VAL A 621 -10.80 -29.95 -18.37
CA VAL A 621 -9.86 -28.86 -18.07
C VAL A 621 -8.81 -29.32 -17.03
N ILE A 622 -9.27 -30.09 -16.00
CA ILE A 622 -8.45 -30.68 -14.95
C ILE A 622 -7.29 -31.50 -15.56
N SER A 623 -7.49 -32.09 -16.77
CA SER A 623 -6.46 -32.83 -17.51
C SER A 623 -5.21 -31.95 -17.71
N GLN A 624 -5.32 -30.83 -18.48
CA GLN A 624 -4.27 -29.82 -18.77
C GLN A 624 -3.67 -29.27 -17.51
N LEU A 625 -4.53 -28.78 -16.59
CA LEU A 625 -4.15 -28.21 -15.31
C LEU A 625 -3.12 -29.12 -14.67
N LYS A 626 -3.47 -30.40 -14.43
CA LYS A 626 -2.57 -31.40 -13.85
C LYS A 626 -1.37 -31.68 -14.78
N GLN A 627 -1.61 -31.80 -16.11
CA GLN A 627 -0.61 -32.07 -17.15
C GLN A 627 0.48 -31.00 -17.29
N LYS A 628 0.08 -29.72 -17.45
CA LYS A 628 1.02 -28.59 -17.59
C LYS A 628 1.83 -28.40 -16.32
N LEU A 629 1.16 -28.54 -15.15
CA LEU A 629 1.78 -28.39 -13.83
C LEU A 629 2.90 -29.38 -13.58
N GLU A 630 2.80 -30.62 -14.09
CA GLU A 630 3.85 -31.62 -13.96
C GLU A 630 5.03 -31.35 -14.90
N ASN A 631 4.75 -30.82 -16.12
CA ASN A 631 5.77 -30.46 -17.13
C ASN A 631 6.73 -29.44 -16.55
N LEU A 632 6.20 -28.24 -16.16
CA LEU A 632 6.91 -27.13 -15.54
C LEU A 632 7.70 -27.55 -14.31
N GLN A 633 7.24 -28.61 -13.64
CA GLN A 633 7.86 -29.22 -12.46
C GLN A 633 9.25 -29.90 -12.74
N ASN A 634 9.74 -29.81 -13.98
CA ASN A 634 11.03 -30.43 -14.33
C ASN A 634 12.17 -29.43 -14.63
N SER A 635 12.57 -29.32 -15.91
CA SER A 635 13.64 -28.47 -16.43
C SER A 635 13.17 -27.01 -16.64
N GLN A 636 12.52 -26.42 -15.60
CA GLN A 636 11.98 -25.06 -15.60
C GLN A 636 11.99 -24.53 -14.17
N LEU A 637 10.89 -24.82 -13.41
CA LEU A 637 10.61 -24.48 -12.02
C LEU A 637 11.82 -24.81 -11.17
N PRO A 638 12.59 -23.78 -10.76
CA PRO A 638 13.79 -24.04 -9.97
C PRO A 638 13.41 -24.64 -8.61
N GLU A 639 14.38 -25.30 -7.95
CA GLU A 639 14.22 -26.00 -6.67
C GLU A 639 13.19 -25.43 -5.73
N SER A 640 13.29 -24.12 -5.40
CA SER A 640 12.41 -23.42 -4.48
C SER A 640 12.54 -21.89 -4.53
N PHE A 641 11.39 -21.22 -4.46
CA PHE A 641 11.25 -19.78 -4.48
C PHE A 641 10.64 -19.26 -3.19
N ARG A 642 10.98 -18.00 -2.85
CA ARG A 642 10.44 -17.30 -1.69
C ARG A 642 9.02 -16.95 -2.01
N VAL A 643 8.14 -17.14 -1.03
CA VAL A 643 6.74 -16.81 -1.19
C VAL A 643 6.66 -15.27 -1.21
N PRO A 644 6.23 -14.64 -2.33
CA PRO A 644 6.23 -13.16 -2.38
C PRO A 644 5.52 -12.40 -1.26
N TYR A 645 4.32 -12.84 -0.82
CA TYR A 645 3.54 -12.17 0.26
C TYR A 645 4.04 -12.50 1.67
N ASP A 646 5.06 -13.36 1.73
CA ASP A 646 5.69 -13.81 2.97
C ASP A 646 7.12 -14.21 2.64
N PRO A 647 8.07 -13.23 2.65
CA PRO A 647 9.48 -13.52 2.29
C PRO A 647 10.21 -14.56 3.15
N GLY A 648 9.61 -14.93 4.27
CA GLY A 648 10.14 -15.91 5.21
C GLY A 648 9.96 -17.34 4.76
N LEU A 649 8.87 -17.63 4.02
CA LEU A 649 8.52 -18.95 3.50
C LEU A 649 9.15 -19.29 2.16
N LYS A 650 9.58 -20.55 2.00
CA LYS A 650 10.12 -21.11 0.76
C LYS A 650 9.24 -22.27 0.29
N ALA A 651 8.80 -22.23 -0.97
CA ALA A 651 7.94 -23.23 -1.56
C ALA A 651 8.75 -24.16 -2.45
N GLY A 652 8.64 -25.45 -2.18
CA GLY A 652 9.35 -26.51 -2.91
C GLY A 652 8.51 -27.06 -4.04
N ALA A 653 8.47 -28.40 -4.14
CA ALA A 653 7.73 -29.16 -5.14
C ALA A 653 6.24 -28.80 -5.15
N LEU A 654 5.63 -28.88 -6.33
CA LEU A 654 4.24 -28.58 -6.58
C LEU A 654 3.41 -29.83 -6.34
N ALA A 655 2.57 -29.83 -5.28
CA ALA A 655 1.67 -30.94 -4.95
C ALA A 655 0.58 -30.95 -6.02
N ILE A 656 0.89 -31.54 -7.22
CA ILE A 656 0.04 -31.62 -8.44
C ILE A 656 -1.37 -32.02 -8.12
N GLU A 657 -1.50 -33.14 -7.37
CA GLU A 657 -2.74 -33.76 -6.92
C GLU A 657 -3.73 -32.81 -6.26
N LYS A 658 -3.24 -31.84 -5.45
CA LYS A 658 -4.04 -30.86 -4.72
C LYS A 658 -4.46 -29.64 -5.54
N CYS A 659 -3.65 -29.27 -6.56
CA CYS A 659 -3.90 -28.15 -7.48
C CYS A 659 -5.18 -28.37 -8.28
N LYS A 660 -5.81 -27.28 -8.74
CA LYS A 660 -7.07 -27.29 -9.50
C LYS A 660 -7.42 -25.92 -10.04
N VAL A 661 -8.57 -25.83 -10.72
CA VAL A 661 -9.16 -24.60 -11.25
C VAL A 661 -10.42 -24.35 -10.43
N MET A 662 -10.71 -23.09 -10.18
CA MET A 662 -11.88 -22.73 -9.43
C MET A 662 -13.07 -22.41 -10.33
N ALA A 663 -14.27 -22.72 -9.83
CA ALA A 663 -15.54 -22.52 -10.51
C ALA A 663 -16.04 -21.05 -10.45
N SER A 664 -15.11 -20.07 -10.52
CA SER A 664 -15.43 -18.65 -10.54
C SER A 664 -15.63 -18.19 -12.00
N LYS A 665 -16.10 -16.92 -12.22
CA LYS A 665 -16.31 -16.27 -13.54
C LYS A 665 -15.06 -16.47 -14.35
N LYS A 666 -13.91 -16.07 -13.78
CA LYS A 666 -12.58 -16.30 -14.36
C LYS A 666 -12.05 -17.65 -13.83
N LYS A 667 -10.91 -18.12 -14.34
CA LYS A 667 -10.42 -19.42 -13.91
C LYS A 667 -9.13 -19.35 -13.08
N PRO A 668 -9.19 -18.86 -11.80
CA PRO A 668 -7.95 -18.80 -11.00
C PRO A 668 -7.58 -20.19 -10.51
N LEU A 669 -6.28 -20.50 -10.53
CA LEU A 669 -5.74 -21.77 -10.08
C LEU A 669 -5.73 -21.85 -8.57
N TRP A 670 -5.83 -23.06 -8.01
CA TRP A 670 -5.72 -23.31 -6.57
C TRP A 670 -4.46 -24.16 -6.39
N LEU A 671 -3.32 -23.49 -6.21
CA LEU A 671 -2.03 -24.17 -6.10
C LEU A 671 -1.68 -24.52 -4.67
N GLU A 672 -0.83 -25.54 -4.51
CA GLU A 672 -0.31 -26.06 -3.25
C GLU A 672 1.14 -26.56 -3.42
N PHE A 673 2.02 -26.21 -2.46
CA PHE A 673 3.45 -26.54 -2.51
C PHE A 673 3.95 -27.04 -1.16
N LYS A 674 4.99 -27.87 -1.17
CA LYS A 674 5.61 -28.35 0.07
C LYS A 674 6.59 -27.29 0.51
N CYS A 675 6.75 -27.06 1.84
CA CYS A 675 7.73 -26.10 2.33
C CYS A 675 9.10 -26.67 1.92
N ALA A 676 9.83 -25.93 1.05
CA ALA A 676 11.14 -26.32 0.53
C ALA A 676 12.20 -26.35 1.62
N ASP A 677 11.80 -26.17 2.88
CA ASP A 677 12.72 -26.18 3.99
C ASP A 677 12.49 -27.31 5.01
N PRO A 678 13.38 -28.34 5.00
CA PRO A 678 13.23 -29.49 5.93
C PRO A 678 13.06 -29.17 7.41
N THR A 679 13.73 -28.10 7.95
CA THR A 679 13.63 -27.71 9.37
C THR A 679 12.18 -27.45 9.81
N ALA A 680 11.24 -27.38 8.83
CA ALA A 680 9.80 -27.18 9.03
C ALA A 680 9.24 -28.13 10.07
N LEU A 681 8.40 -27.60 10.97
CA LEU A 681 7.77 -28.35 12.04
C LEU A 681 6.50 -29.10 11.58
N SER A 682 6.18 -29.06 10.27
CA SER A 682 4.97 -29.68 9.74
C SER A 682 5.09 -30.03 8.25
N ASN A 683 4.00 -30.65 7.73
CA ASN A 683 3.82 -31.03 6.34
C ASN A 683 2.75 -30.19 5.64
N GLU A 684 1.99 -29.34 6.40
CA GLU A 684 0.96 -28.43 5.85
C GLU A 684 1.61 -27.74 4.68
N THR A 685 1.02 -27.92 3.49
CA THR A 685 1.51 -27.31 2.27
C THR A 685 1.31 -25.79 2.31
N ILE A 686 1.81 -25.11 1.29
CA ILE A 686 1.66 -23.67 1.11
C ILE A 686 0.59 -23.51 0.01
N GLY A 687 -0.56 -22.96 0.39
CA GLY A 687 -1.68 -22.76 -0.52
C GLY A 687 -1.71 -21.37 -1.11
N ILE A 688 -1.46 -21.28 -2.43
CA ILE A 688 -1.51 -20.00 -3.16
C ILE A 688 -2.62 -20.06 -4.19
N ILE A 689 -3.45 -18.97 -4.29
CA ILE A 689 -4.48 -18.78 -5.33
C ILE A 689 -3.87 -17.88 -6.40
N PHE A 690 -3.80 -18.37 -7.63
CA PHE A 690 -3.29 -17.61 -8.78
C PHE A 690 -4.43 -17.02 -9.58
N LYS A 691 -4.34 -15.74 -9.98
CA LYS A 691 -5.43 -15.14 -10.76
C LYS A 691 -5.07 -14.02 -11.72
N HIS A 692 -5.61 -14.12 -12.94
CA HIS A 692 -5.61 -13.11 -13.99
C HIS A 692 -7.07 -12.61 -14.11
N GLY A 693 -7.26 -11.39 -14.60
CA GLY A 693 -8.59 -10.84 -14.84
C GLY A 693 -9.02 -9.74 -13.89
N ASP A 694 -8.22 -9.46 -12.85
CA ASP A 694 -8.51 -8.42 -11.87
C ASP A 694 -7.29 -7.62 -11.49
N ASP A 695 -7.47 -6.32 -11.20
CA ASP A 695 -6.41 -5.44 -10.72
C ASP A 695 -6.33 -5.68 -9.21
N LEU A 696 -5.32 -6.49 -8.81
CA LEU A 696 -5.09 -6.92 -7.43
C LEU A 696 -4.51 -5.85 -6.51
N ARG A 697 -4.19 -4.66 -7.06
CA ARG A 697 -3.60 -3.56 -6.33
C ARG A 697 -4.53 -2.98 -5.31
N GLN A 698 -5.82 -2.85 -5.69
CA GLN A 698 -6.95 -2.40 -4.87
C GLN A 698 -7.00 -3.22 -3.57
N ASP A 699 -6.87 -4.57 -3.71
CA ASP A 699 -6.83 -5.57 -2.64
C ASP A 699 -5.65 -5.37 -1.72
N MET A 700 -4.45 -5.10 -2.27
CA MET A 700 -3.24 -4.82 -1.50
C MET A 700 -3.44 -3.63 -0.59
N LEU A 701 -3.95 -2.50 -1.16
CA LEU A 701 -4.25 -1.25 -0.45
C LEU A 701 -5.15 -1.53 0.76
N ILE A 702 -6.31 -2.21 0.54
CA ILE A 702 -7.28 -2.56 1.59
C ILE A 702 -6.67 -3.44 2.66
N LEU A 703 -6.00 -4.54 2.27
CA LEU A 703 -5.32 -5.48 3.17
C LEU A 703 -4.30 -4.71 4.02
N GLN A 704 -3.57 -3.73 3.41
CA GLN A 704 -2.57 -2.89 4.08
C GLN A 704 -3.21 -1.94 5.09
N ILE A 705 -4.39 -1.36 4.77
CA ILE A 705 -5.10 -0.47 5.71
C ILE A 705 -5.49 -1.31 6.96
N LEU A 706 -5.93 -2.57 6.73
CA LEU A 706 -6.29 -3.57 7.74
C LEU A 706 -5.14 -3.80 8.73
N ARG A 707 -3.89 -3.85 8.24
CA ARG A 707 -2.68 -4.00 9.06
C ARG A 707 -2.42 -2.77 9.90
N ILE A 708 -2.65 -1.56 9.32
CA ILE A 708 -2.53 -0.27 9.99
C ILE A 708 -3.56 -0.19 11.15
N MET A 709 -4.77 -0.72 10.93
CA MET A 709 -5.83 -0.73 11.95
C MET A 709 -5.49 -1.58 13.15
N GLU A 710 -4.91 -2.78 12.90
CA GLU A 710 -4.48 -3.72 13.93
C GLU A 710 -3.44 -3.06 14.86
N SER A 711 -2.39 -2.41 14.27
CA SER A 711 -1.35 -1.69 15.03
C SER A 711 -1.92 -0.45 15.74
N ILE A 712 -2.99 0.22 15.18
CA ILE A 712 -3.68 1.37 15.81
C ILE A 712 -4.37 0.82 17.07
N TRP A 713 -4.98 -0.37 16.94
CA TRP A 713 -5.62 -1.08 18.04
C TRP A 713 -4.60 -1.70 19.00
N GLU A 714 -3.30 -1.76 18.59
CA GLU A 714 -2.25 -2.27 19.47
C GLU A 714 -1.79 -1.17 20.44
N THR A 715 -1.97 0.12 20.07
CA THR A 715 -1.64 1.29 20.90
C THR A 715 -2.54 1.28 22.14
N GLU A 716 -3.78 0.78 21.97
CA GLU A 716 -4.76 0.70 23.03
C GLU A 716 -4.95 -0.69 23.64
N SER A 717 -3.86 -1.50 23.55
CA SER A 717 -3.74 -2.87 24.09
C SER A 717 -4.90 -3.78 23.67
N LEU A 718 -5.50 -3.49 22.50
CA LEU A 718 -6.64 -4.22 21.95
C LEU A 718 -6.21 -5.19 20.87
N ASP A 719 -7.05 -6.19 20.63
CA ASP A 719 -6.85 -7.21 19.61
C ASP A 719 -8.20 -7.58 18.99
N LEU A 720 -8.41 -7.11 17.75
CA LEU A 720 -9.67 -7.35 17.04
C LEU A 720 -9.61 -8.57 16.11
N CYS A 721 -8.54 -9.40 16.32
CA CYS A 721 -8.24 -10.68 15.68
C CYS A 721 -8.44 -10.74 14.16
N LEU A 722 -8.00 -9.69 13.41
CA LEU A 722 -8.19 -9.73 11.95
C LEU A 722 -7.24 -10.70 11.26
N LEU A 723 -7.59 -11.08 10.01
CA LEU A 723 -6.76 -11.90 9.13
C LEU A 723 -6.42 -11.18 7.80
N PRO A 724 -5.49 -10.19 7.81
CA PRO A 724 -5.13 -9.52 6.56
C PRO A 724 -4.13 -10.43 5.84
N TYR A 725 -4.64 -11.52 5.21
CA TYR A 725 -3.89 -12.52 4.45
C TYR A 725 -3.07 -11.83 3.34
N GLY A 726 -1.96 -12.46 2.95
CA GLY A 726 -1.06 -11.97 1.91
C GLY A 726 -1.70 -11.89 0.56
N CYS A 727 -1.48 -10.79 -0.19
CA CYS A 727 -2.01 -10.57 -1.53
C CYS A 727 -1.04 -9.69 -2.32
N ILE A 728 -0.26 -10.32 -3.22
CA ILE A 728 0.74 -9.65 -4.05
C ILE A 728 0.37 -9.64 -5.52
N SER A 729 0.27 -8.43 -6.10
CA SER A 729 0.10 -8.23 -7.53
C SER A 729 1.50 -8.45 -8.14
N THR A 730 1.57 -9.19 -9.26
CA THR A 730 2.85 -9.53 -9.89
C THR A 730 2.98 -9.09 -11.36
N GLY A 731 1.97 -8.39 -11.87
CA GLY A 731 1.96 -7.92 -13.25
C GLY A 731 0.61 -7.44 -13.71
N ASP A 732 0.48 -7.21 -15.04
CA ASP A 732 -0.73 -6.73 -15.71
C ASP A 732 -1.95 -7.59 -15.38
N LYS A 733 -2.86 -7.04 -14.55
CA LYS A 733 -4.14 -7.63 -14.12
C LYS A 733 -3.98 -9.09 -13.58
N ILE A 734 -2.87 -9.34 -12.85
CA ILE A 734 -2.50 -10.67 -12.38
C ILE A 734 -1.61 -10.68 -11.12
N GLY A 735 -1.83 -11.69 -10.27
CA GLY A 735 -1.05 -11.90 -9.05
C GLY A 735 -1.48 -13.10 -8.26
N MET A 736 -0.94 -13.22 -7.04
CA MET A 736 -1.25 -14.31 -6.13
C MET A 736 -1.91 -13.89 -4.81
N ILE A 737 -2.57 -14.85 -4.15
CA ILE A 737 -3.33 -14.68 -2.91
C ILE A 737 -3.11 -15.87 -1.97
N GLU A 738 -2.61 -15.58 -0.75
CA GLU A 738 -2.40 -16.56 0.32
C GLU A 738 -3.73 -17.27 0.62
N ILE A 739 -3.67 -18.57 0.92
CA ILE A 739 -4.85 -19.34 1.32
C ILE A 739 -4.78 -19.56 2.83
N VAL A 740 -5.85 -19.13 3.54
CA VAL A 740 -5.98 -19.34 4.98
C VAL A 740 -6.33 -20.83 5.16
N LYS A 741 -5.53 -21.54 5.97
CA LYS A 741 -5.73 -22.96 6.23
C LYS A 741 -6.88 -23.16 7.22
N ASP A 742 -7.73 -24.18 6.95
CA ASP A 742 -8.91 -24.59 7.72
C ASP A 742 -10.04 -23.56 7.68
N ALA A 743 -10.47 -23.15 6.48
CA ALA A 743 -11.51 -22.14 6.37
C ALA A 743 -12.49 -22.34 5.24
N THR A 744 -13.74 -21.90 5.43
CA THR A 744 -14.78 -21.96 4.42
C THR A 744 -15.50 -20.63 4.36
N THR A 745 -16.21 -20.43 3.26
CA THR A 745 -17.09 -19.29 3.00
C THR A 745 -18.28 -19.46 3.98
N ILE A 746 -18.88 -18.34 4.45
CA ILE A 746 -20.06 -18.34 5.33
C ILE A 746 -21.26 -18.86 4.50
N ALA A 747 -21.26 -18.59 3.16
CA ALA A 747 -22.27 -19.06 2.22
C ALA A 747 -22.22 -20.57 2.08
N LYS A 748 -21.00 -21.17 2.06
CA LYS A 748 -20.80 -22.61 1.97
C LYS A 748 -21.36 -23.37 3.19
N ILE A 749 -21.25 -22.78 4.39
CA ILE A 749 -21.81 -23.29 5.66
C ILE A 749 -23.35 -23.27 5.58
N GLN A 750 -23.92 -22.26 4.90
CA GLN A 750 -25.37 -22.14 4.68
C GLN A 750 -25.79 -23.11 3.61
N GLN A 751 -25.13 -23.02 2.42
CA GLN A 751 -25.33 -23.83 1.22
C GLN A 751 -25.43 -25.33 1.46
N SER A 752 -24.68 -25.87 2.45
CA SER A 752 -24.72 -27.30 2.82
C SER A 752 -26.17 -27.83 2.69
N THR A 753 -27.11 -27.12 3.32
CA THR A 753 -28.54 -27.39 3.34
C THR A 753 -29.28 -26.45 2.35
N VAL A 754 -29.05 -26.60 1.01
CA VAL A 754 -29.64 -25.81 -0.10
C VAL A 754 -28.69 -24.81 -0.78
N GLY A 755 -28.63 -24.87 -2.11
CA GLY A 755 -27.81 -24.01 -2.95
C GLY A 755 -28.65 -23.11 -3.81
N ASN A 756 -29.50 -23.70 -4.67
CA ASN A 756 -30.44 -23.04 -5.58
C ASN A 756 -31.45 -22.14 -4.84
N THR A 757 -31.55 -22.30 -3.51
CA THR A 757 -32.48 -21.56 -2.66
C THR A 757 -31.84 -20.41 -1.85
N GLY A 758 -31.14 -20.76 -0.78
CA GLY A 758 -30.60 -19.80 0.17
C GLY A 758 -31.73 -19.39 1.11
N ALA A 759 -32.37 -20.38 1.78
CA ALA A 759 -33.44 -20.18 2.78
C ALA A 759 -32.76 -20.03 4.15
N PHE A 760 -31.66 -19.23 4.17
CA PHE A 760 -30.75 -18.91 5.25
C PHE A 760 -31.24 -19.25 6.66
N LYS A 761 -30.76 -20.38 7.20
CA LYS A 761 -31.12 -20.87 8.53
C LYS A 761 -30.22 -20.18 9.58
N ASP A 762 -30.86 -19.41 10.48
CA ASP A 762 -30.26 -18.59 11.55
C ASP A 762 -29.57 -19.39 12.68
N GLU A 763 -28.99 -20.58 12.37
CA GLU A 763 -28.39 -21.44 13.40
C GLU A 763 -27.26 -22.39 12.93
N VAL A 764 -27.15 -22.60 11.59
CA VAL A 764 -26.15 -23.48 10.94
C VAL A 764 -24.69 -23.22 11.40
N LEU A 765 -24.31 -21.93 11.55
CA LEU A 765 -22.98 -21.48 11.96
C LEU A 765 -22.53 -22.05 13.30
N ASN A 766 -23.31 -21.81 14.38
CA ASN A 766 -23.01 -22.31 15.73
C ASN A 766 -22.83 -23.84 15.79
N HIS A 767 -23.58 -24.58 14.96
CA HIS A 767 -23.50 -26.03 14.81
C HIS A 767 -22.15 -26.40 14.19
N TRP A 768 -21.81 -25.75 13.06
CA TRP A 768 -20.57 -25.91 12.29
C TRP A 768 -19.34 -25.78 13.18
N LEU A 769 -19.34 -24.77 14.10
CA LEU A 769 -18.27 -24.51 15.05
C LEU A 769 -18.10 -25.67 16.01
N LYS A 770 -19.23 -26.23 16.52
CA LYS A 770 -19.24 -27.38 17.42
C LYS A 770 -18.85 -28.64 16.65
N GLU A 771 -19.27 -28.75 15.38
CA GLU A 771 -18.92 -29.85 14.49
C GLU A 771 -17.38 -29.93 14.37
N LYS A 772 -16.73 -28.76 14.19
CA LYS A 772 -15.28 -28.61 14.00
C LYS A 772 -14.45 -28.53 15.29
N SER A 773 -15.05 -28.07 16.40
CA SER A 773 -14.35 -27.97 17.68
C SER A 773 -14.09 -29.36 18.27
N PRO A 774 -12.80 -29.69 18.54
CA PRO A 774 -12.47 -31.01 19.13
C PRO A 774 -13.25 -31.20 20.43
N THR A 775 -12.97 -30.37 21.46
CA THR A 775 -13.70 -30.40 22.72
C THR A 775 -14.96 -29.49 22.56
N GLU A 776 -15.55 -29.11 23.70
CA GLU A 776 -16.66 -28.15 23.84
C GLU A 776 -16.02 -26.89 24.43
N GLU A 777 -14.95 -27.12 25.21
CA GLU A 777 -14.16 -26.08 25.85
C GLU A 777 -13.45 -25.18 24.81
N LYS A 778 -12.68 -25.77 23.85
CA LYS A 778 -12.03 -25.08 22.70
C LYS A 778 -13.09 -24.34 21.92
N PHE A 779 -14.33 -24.93 21.88
CA PHE A 779 -15.50 -24.35 21.24
C PHE A 779 -15.72 -22.94 21.73
N GLN A 780 -15.72 -22.74 23.08
CA GLN A 780 -15.90 -21.44 23.73
C GLN A 780 -14.83 -20.43 23.32
N ALA A 781 -13.57 -20.92 23.11
CA ALA A 781 -12.45 -20.12 22.60
C ALA A 781 -12.72 -19.73 21.12
N ALA A 782 -13.33 -20.66 20.31
CA ALA A 782 -13.74 -20.40 18.92
C ALA A 782 -14.95 -19.43 18.87
N VAL A 783 -15.72 -19.31 19.98
CA VAL A 783 -16.85 -18.38 20.11
C VAL A 783 -16.26 -17.03 20.48
N GLU A 784 -15.22 -17.07 21.35
CA GLU A 784 -14.43 -15.95 21.85
C GLU A 784 -13.78 -15.19 20.69
N ARG A 785 -12.95 -15.92 19.92
CA ARG A 785 -12.25 -15.48 18.72
C ARG A 785 -13.23 -14.95 17.66
N PHE A 786 -14.48 -15.44 17.69
CA PHE A 786 -15.55 -15.01 16.80
C PHE A 786 -16.05 -13.61 17.18
N VAL A 787 -16.35 -13.38 18.48
CA VAL A 787 -16.82 -12.11 19.05
C VAL A 787 -15.89 -10.96 18.62
N TYR A 788 -14.57 -11.20 18.69
CA TYR A 788 -13.49 -10.28 18.34
C TYR A 788 -13.35 -10.06 16.86
N SER A 789 -13.03 -11.13 16.09
CA SER A 789 -12.86 -11.05 14.63
C SER A 789 -14.11 -10.45 13.96
N CYS A 790 -15.34 -10.89 14.37
CA CYS A 790 -16.59 -10.33 13.88
C CYS A 790 -16.70 -8.84 14.25
N ALA A 791 -16.25 -8.44 15.48
CA ALA A 791 -16.23 -7.03 15.90
C ALA A 791 -15.28 -6.18 15.04
N GLY A 792 -14.04 -6.66 14.88
CA GLY A 792 -12.98 -6.04 14.09
C GLY A 792 -13.40 -5.63 12.69
N TYR A 793 -13.88 -6.62 11.89
CA TYR A 793 -14.37 -6.43 10.52
C TYR A 793 -15.64 -5.62 10.46
N CYS A 794 -16.44 -5.60 11.53
CA CYS A 794 -17.66 -4.79 11.59
C CYS A 794 -17.28 -3.30 11.50
N VAL A 795 -16.34 -2.87 12.36
CA VAL A 795 -15.81 -1.50 12.50
C VAL A 795 -15.03 -1.06 11.24
N ALA A 796 -13.93 -1.78 10.93
CA ALA A 796 -12.98 -1.58 9.84
C ALA A 796 -13.67 -1.44 8.48
N THR A 797 -14.51 -2.45 8.16
CA THR A 797 -15.33 -2.58 6.95
C THR A 797 -16.25 -1.36 6.83
N PHE A 798 -16.92 -1.00 7.94
CA PHE A 798 -17.79 0.16 8.02
C PHE A 798 -17.05 1.45 7.67
N VAL A 799 -15.88 1.74 8.34
CA VAL A 799 -15.01 2.91 8.12
C VAL A 799 -14.63 3.04 6.63
N LEU A 800 -14.12 1.94 6.05
CA LEU A 800 -13.70 1.87 4.65
C LEU A 800 -14.85 1.91 3.64
N GLY A 801 -16.07 1.73 4.15
CA GLY A 801 -17.32 1.77 3.39
C GLY A 801 -17.48 0.61 2.44
N ILE A 802 -17.03 -0.57 2.89
CA ILE A 802 -17.08 -1.81 2.13
C ILE A 802 -17.80 -2.90 2.97
N GLY A 803 -18.69 -2.42 3.83
CA GLY A 803 -19.48 -3.21 4.79
C GLY A 803 -20.60 -4.07 4.26
N ASP A 804 -21.10 -3.74 3.06
CA ASP A 804 -22.20 -4.43 2.42
C ASP A 804 -21.69 -5.64 1.62
N ARG A 805 -21.35 -6.70 2.36
CA ARG A 805 -20.78 -7.90 1.77
C ARG A 805 -21.74 -9.02 1.45
N HIS A 806 -21.57 -9.57 0.25
CA HIS A 806 -22.40 -10.57 -0.39
C HIS A 806 -22.34 -12.03 0.03
N ASN A 807 -22.14 -12.30 1.34
CA ASN A 807 -22.16 -13.65 1.94
C ASN A 807 -21.04 -14.59 1.49
N ASP A 808 -20.92 -14.80 0.14
CA ASP A 808 -19.88 -15.64 -0.51
C ASP A 808 -18.51 -15.09 -0.10
N ASN A 809 -18.39 -13.76 -0.12
CA ASN A 809 -17.15 -13.04 0.19
C ASN A 809 -16.78 -12.92 1.68
N ILE A 810 -17.27 -13.83 2.52
CA ILE A 810 -16.95 -13.85 3.96
C ILE A 810 -16.53 -15.24 4.38
N MET A 811 -15.40 -15.33 5.07
CA MET A 811 -14.89 -16.59 5.54
C MET A 811 -14.79 -16.70 7.06
N ILE A 812 -14.57 -17.93 7.54
CA ILE A 812 -14.48 -18.33 8.93
C ILE A 812 -13.47 -19.47 9.07
N THR A 813 -12.61 -19.39 10.06
CA THR A 813 -11.69 -20.49 10.29
C THR A 813 -12.38 -21.49 11.21
N GLU A 814 -12.03 -22.81 11.08
CA GLU A 814 -12.54 -23.90 11.91
C GLU A 814 -12.11 -23.73 13.38
N THR A 815 -11.63 -22.51 13.70
CA THR A 815 -11.08 -22.10 14.98
C THR A 815 -11.66 -20.78 15.55
N GLY A 816 -12.65 -20.22 14.86
CA GLY A 816 -13.34 -19.01 15.30
C GLY A 816 -13.07 -17.71 14.58
N ASN A 817 -11.89 -17.58 13.94
CA ASN A 817 -11.53 -16.35 13.23
C ASN A 817 -12.36 -16.15 11.98
N LEU A 818 -13.04 -15.00 11.90
CA LEU A 818 -13.85 -14.54 10.78
C LEU A 818 -13.00 -13.52 10.04
N PHE A 819 -13.20 -13.41 8.71
CA PHE A 819 -12.50 -12.47 7.85
C PHE A 819 -13.18 -12.32 6.49
N HIS A 820 -13.24 -11.08 6.00
CA HIS A 820 -13.78 -10.81 4.66
C HIS A 820 -12.65 -11.11 3.68
N ILE A 821 -12.97 -11.20 2.39
CA ILE A 821 -12.06 -11.48 1.29
C ILE A 821 -12.51 -10.68 0.09
N ASP A 822 -11.79 -10.84 -1.02
CA ASP A 822 -12.09 -10.32 -2.35
C ASP A 822 -12.57 -8.86 -2.30
N PHE A 823 -11.69 -7.98 -1.80
CA PHE A 823 -12.02 -6.56 -1.69
C PHE A 823 -11.98 -5.90 -3.07
N GLY A 824 -11.35 -6.58 -4.02
CA GLY A 824 -11.25 -6.16 -5.42
C GLY A 824 -12.58 -6.10 -6.14
N HIS A 825 -13.58 -6.89 -5.65
CA HIS A 825 -14.92 -6.97 -6.22
C HIS A 825 -15.73 -5.66 -6.06
N ILE A 826 -16.28 -5.39 -4.84
CA ILE A 826 -17.05 -4.19 -4.42
C ILE A 826 -16.47 -2.83 -4.84
N LEU A 827 -15.24 -2.81 -5.34
CA LEU A 827 -14.58 -1.58 -5.75
C LEU A 827 -14.44 -1.46 -7.26
N GLY A 828 -14.33 -2.60 -7.93
CA GLY A 828 -14.16 -2.70 -9.38
C GLY A 828 -15.41 -2.60 -10.24
N ASN A 829 -16.56 -2.27 -9.62
CA ASN A 829 -17.84 -2.14 -10.32
C ASN A 829 -18.59 -0.83 -10.01
N TYR A 830 -18.37 -0.28 -8.78
CA TYR A 830 -18.97 0.97 -8.27
C TYR A 830 -18.54 2.17 -9.13
N VAL A 841 -27.71 -1.36 4.49
CA VAL A 841 -27.01 -2.00 5.63
C VAL A 841 -25.57 -1.48 5.86
N PRO A 842 -25.17 -1.07 7.11
CA PRO A 842 -23.77 -0.62 7.34
C PRO A 842 -22.75 -1.70 7.02
N PHE A 843 -22.35 -2.49 8.05
CA PHE A 843 -21.44 -3.63 7.95
C PHE A 843 -22.30 -4.91 7.87
N VAL A 844 -21.78 -6.07 8.31
CA VAL A 844 -22.54 -7.32 8.23
C VAL A 844 -22.63 -8.03 9.60
N LEU A 845 -23.85 -8.07 10.17
CA LEU A 845 -24.14 -8.70 11.46
C LEU A 845 -25.46 -9.46 11.28
N THR A 846 -25.36 -10.57 10.56
CA THR A 846 -26.49 -11.42 10.20
C THR A 846 -27.02 -12.26 11.36
N PRO A 847 -28.31 -12.71 11.31
CA PRO A 847 -28.88 -13.50 12.41
C PRO A 847 -28.09 -14.75 12.81
N ASP A 848 -27.35 -15.37 11.86
CA ASP A 848 -26.52 -16.55 12.14
C ASP A 848 -25.28 -16.17 12.96
N PHE A 849 -24.76 -14.93 12.81
CA PHE A 849 -23.61 -14.41 13.55
C PHE A 849 -24.07 -14.13 14.97
N LEU A 850 -25.24 -13.46 15.09
CA LEU A 850 -25.90 -13.09 16.34
C LEU A 850 -26.35 -14.29 17.15
N PHE A 851 -26.65 -15.40 16.45
CA PHE A 851 -27.02 -16.67 17.06
C PHE A 851 -25.81 -17.34 17.77
N VAL A 852 -24.58 -16.90 17.42
CA VAL A 852 -23.32 -17.35 18.04
C VAL A 852 -23.03 -16.44 19.25
N MET A 853 -23.87 -15.40 19.41
CA MET A 853 -23.78 -14.43 20.49
C MET A 853 -25.05 -14.48 21.37
N GLY A 854 -25.75 -15.62 21.28
CA GLY A 854 -26.98 -15.97 22.00
C GLY A 854 -28.06 -14.92 21.95
N THR A 855 -28.70 -14.73 20.78
CA THR A 855 -29.75 -13.73 20.52
C THR A 855 -30.57 -14.18 19.29
N SER A 856 -31.72 -13.53 19.07
CA SER A 856 -32.65 -13.74 17.95
C SER A 856 -33.31 -12.41 17.70
N GLY A 857 -33.71 -12.18 16.44
CA GLY A 857 -34.43 -11.02 15.91
C GLY A 857 -34.35 -9.71 16.70
N LYS A 858 -34.82 -9.76 17.98
CA LYS A 858 -34.83 -8.68 18.98
C LYS A 858 -34.66 -9.22 20.43
N LYS A 859 -33.43 -9.13 20.99
CA LYS A 859 -33.02 -9.59 22.34
C LYS A 859 -31.55 -9.18 22.61
N THR A 860 -31.06 -9.40 23.83
CA THR A 860 -29.69 -9.15 24.24
C THR A 860 -29.10 -10.48 24.73
N SER A 861 -27.90 -10.46 25.36
CA SER A 861 -27.17 -11.64 25.85
C SER A 861 -25.80 -11.27 26.45
N PRO A 862 -25.22 -12.10 27.36
CA PRO A 862 -23.87 -11.83 27.87
C PRO A 862 -22.81 -11.64 26.78
N HIS A 863 -22.63 -12.63 25.86
CA HIS A 863 -21.64 -12.60 24.76
C HIS A 863 -21.85 -11.43 23.81
N PHE A 864 -23.13 -11.15 23.44
CA PHE A 864 -23.52 -10.06 22.55
C PHE A 864 -23.13 -8.68 23.09
N GLN A 865 -23.45 -8.40 24.37
CA GLN A 865 -23.16 -7.15 25.07
C GLN A 865 -21.67 -6.86 25.01
N LYS A 866 -20.86 -7.93 25.20
CA LYS A 866 -19.40 -7.93 25.12
C LYS A 866 -19.03 -7.50 23.68
N PHE A 867 -19.58 -8.18 22.62
CA PHE A 867 -19.35 -7.84 21.20
C PHE A 867 -19.52 -6.33 20.96
N GLN A 868 -20.69 -5.82 21.39
CA GLN A 868 -21.14 -4.44 21.31
C GLN A 868 -20.22 -3.46 22.08
N ASP A 869 -19.44 -3.98 23.05
CA ASP A 869 -18.48 -3.20 23.85
C ASP A 869 -17.02 -3.35 23.32
N ILE A 870 -16.78 -4.28 22.38
CA ILE A 870 -15.46 -4.48 21.76
C ILE A 870 -15.40 -3.53 20.55
N CYS A 871 -16.56 -3.36 19.90
CA CYS A 871 -16.82 -2.51 18.73
C CYS A 871 -16.63 -1.05 19.05
N VAL A 872 -17.47 -0.50 19.96
CA VAL A 872 -17.46 0.89 20.42
C VAL A 872 -16.07 1.31 20.93
N LYS A 873 -15.39 0.40 21.63
CA LYS A 873 -14.03 0.60 22.14
C LYS A 873 -12.98 0.55 21.00
N ALA A 874 -13.32 -0.08 19.85
CA ALA A 874 -12.46 -0.17 18.67
C ALA A 874 -12.75 0.97 17.70
N TYR A 875 -14.05 1.33 17.58
CA TYR A 875 -14.53 2.42 16.74
C TYR A 875 -13.94 3.75 17.20
N LEU A 876 -14.08 4.06 18.51
CA LEU A 876 -13.54 5.27 19.14
C LEU A 876 -12.01 5.29 19.12
N ALA A 877 -11.39 4.09 19.24
CA ALA A 877 -9.94 3.89 19.18
C ALA A 877 -9.37 4.37 17.83
N LEU A 878 -10.11 4.12 16.73
CA LEU A 878 -9.79 4.54 15.36
C LEU A 878 -9.96 6.04 15.19
N ARG A 879 -10.93 6.63 15.94
CA ARG A 879 -11.25 8.06 15.87
C ARG A 879 -10.14 8.92 16.48
N HIS A 880 -9.34 8.34 17.39
CA HIS A 880 -8.14 8.96 17.95
C HIS A 880 -7.05 9.06 16.86
N HIS A 881 -7.36 8.56 15.65
CA HIS A 881 -6.51 8.56 14.45
C HIS A 881 -7.27 8.97 13.19
N THR A 882 -8.32 9.80 13.35
CA THR A 882 -9.18 10.33 12.29
C THR A 882 -8.33 10.79 11.11
N ASN A 883 -7.52 11.84 11.32
CA ASN A 883 -6.61 12.46 10.36
C ASN A 883 -5.79 11.45 9.59
N LEU A 884 -5.17 10.47 10.29
CA LEU A 884 -4.37 9.39 9.70
C LEU A 884 -5.22 8.54 8.73
N LEU A 885 -6.37 8.02 9.19
CA LEU A 885 -7.22 7.17 8.36
C LEU A 885 -7.76 7.90 7.14
N ILE A 886 -8.16 9.17 7.32
CA ILE A 886 -8.66 10.06 6.27
C ILE A 886 -7.59 10.25 5.17
N ILE A 887 -6.31 10.55 5.56
CA ILE A 887 -5.20 10.70 4.61
C ILE A 887 -4.96 9.45 3.80
N LEU A 888 -4.93 8.28 4.47
CA LEU A 888 -4.70 6.98 3.83
C LEU A 888 -5.77 6.66 2.84
N PHE A 889 -7.04 6.75 3.27
CA PHE A 889 -8.24 6.50 2.48
C PHE A 889 -8.28 7.39 1.25
N SER A 890 -8.07 8.72 1.46
CA SER A 890 -8.02 9.77 0.42
C SER A 890 -6.86 9.47 -0.52
N MET A 891 -5.68 9.10 0.04
CA MET A 891 -4.47 8.75 -0.73
C MET A 891 -4.59 7.39 -1.43
N MET A 892 -5.48 6.52 -0.94
CA MET A 892 -5.74 5.20 -1.50
C MET A 892 -6.53 5.34 -2.80
N LEU A 893 -7.71 6.03 -2.76
CA LEU A 893 -8.60 6.26 -3.91
C LEU A 893 -7.91 6.95 -5.07
N MET A 894 -7.05 7.94 -4.78
CA MET A 894 -6.31 8.72 -5.77
C MET A 894 -5.29 7.90 -6.58
N THR A 895 -4.49 7.04 -5.92
CA THR A 895 -3.41 6.28 -6.56
C THR A 895 -3.67 4.83 -6.97
N GLY A 896 -4.78 4.24 -6.56
CA GLY A 896 -5.03 2.85 -6.89
C GLY A 896 -6.45 2.44 -7.23
N MET A 897 -7.39 3.39 -7.12
CA MET A 897 -8.78 3.09 -7.37
C MET A 897 -9.41 4.15 -8.30
N PRO A 898 -9.05 4.13 -9.62
CA PRO A 898 -9.68 5.07 -10.57
C PRO A 898 -11.16 4.74 -10.65
N GLN A 899 -11.99 5.72 -11.07
CA GLN A 899 -13.45 5.60 -11.10
C GLN A 899 -13.99 5.31 -9.69
N LEU A 900 -13.35 5.96 -8.69
CA LEU A 900 -13.64 5.93 -7.24
C LEU A 900 -13.04 7.17 -6.59
N THR A 901 -13.01 8.26 -7.35
CA THR A 901 -12.51 9.54 -6.87
C THR A 901 -13.65 10.55 -6.82
N SER A 902 -13.86 11.31 -7.92
CA SER A 902 -14.87 12.37 -8.12
C SER A 902 -14.83 13.53 -7.10
N LYS A 903 -14.47 13.21 -5.83
CA LYS A 903 -14.37 14.03 -4.61
C LYS A 903 -15.37 13.52 -3.56
N GLU A 904 -16.65 13.37 -3.98
CA GLU A 904 -17.78 12.90 -3.16
C GLU A 904 -17.55 11.47 -2.63
N ASP A 905 -16.75 10.66 -3.36
CA ASP A 905 -16.37 9.31 -2.94
C ASP A 905 -15.34 9.40 -1.81
N ILE A 906 -14.43 10.38 -1.86
CA ILE A 906 -13.39 10.61 -0.85
C ILE A 906 -14.03 11.05 0.49
N GLU A 907 -15.11 11.85 0.41
CA GLU A 907 -15.80 12.37 1.58
C GLU A 907 -16.70 11.40 2.37
N TYR A 908 -16.85 10.12 1.90
CA TYR A 908 -17.61 9.08 2.61
C TYR A 908 -17.03 8.90 4.03
N ILE A 909 -15.68 8.72 4.15
CA ILE A 909 -14.95 8.45 5.40
C ILE A 909 -15.12 9.53 6.47
N ARG A 910 -15.44 10.76 6.04
CA ARG A 910 -15.65 11.87 6.94
C ARG A 910 -16.81 11.58 7.88
N ASP A 911 -17.91 11.03 7.32
CA ASP A 911 -19.13 10.65 8.02
C ASP A 911 -19.00 9.32 8.78
N ALA A 912 -18.35 8.29 8.17
CA ALA A 912 -18.13 6.97 8.80
C ALA A 912 -17.46 7.18 10.17
N LEU A 913 -16.35 7.96 10.18
CA LEU A 913 -15.60 8.33 11.38
C LEU A 913 -16.31 9.34 12.28
N THR A 914 -17.50 9.81 11.86
CA THR A 914 -18.34 10.77 12.59
C THR A 914 -17.54 12.00 13.07
N VAL A 915 -17.03 12.76 12.09
CA VAL A 915 -16.21 13.96 12.33
C VAL A 915 -17.00 14.99 13.17
N GLY A 916 -16.28 15.71 14.01
CA GLY A 916 -16.82 16.76 14.87
C GLY A 916 -17.27 16.24 16.22
N LYS A 917 -18.24 15.30 16.20
CA LYS A 917 -18.90 14.67 17.35
C LYS A 917 -18.00 14.27 18.46
N ASN A 918 -18.50 14.43 19.69
CA ASN A 918 -17.78 14.01 20.88
C ASN A 918 -17.94 12.49 20.93
N GLU A 919 -17.06 11.80 21.69
CA GLU A 919 -17.08 10.35 21.84
C GLU A 919 -18.48 9.80 22.11
N GLU A 920 -19.21 10.46 23.05
CA GLU A 920 -20.56 10.12 23.50
C GLU A 920 -21.64 10.13 22.41
N ASP A 921 -21.55 11.06 21.45
CA ASP A 921 -22.50 11.18 20.35
C ASP A 921 -22.24 10.13 19.24
N ALA A 922 -20.96 9.70 19.13
CA ALA A 922 -20.51 8.71 18.14
C ALA A 922 -20.87 7.29 18.55
N LYS A 923 -20.66 6.93 19.84
CA LYS A 923 -20.95 5.64 20.45
C LYS A 923 -22.40 5.23 20.11
N LYS A 924 -23.36 6.16 20.29
CA LYS A 924 -24.77 5.96 19.95
C LYS A 924 -25.06 6.03 18.43
N TYR A 925 -24.05 6.31 17.60
CA TYR A 925 -24.17 6.34 16.14
C TYR A 925 -23.81 4.94 15.62
N PHE A 926 -22.76 4.33 16.21
CA PHE A 926 -22.29 2.99 15.86
C PHE A 926 -23.31 1.96 16.33
N LEU A 927 -23.79 2.09 17.60
CA LEU A 927 -24.81 1.22 18.20
C LEU A 927 -26.06 1.12 17.33
N ASP A 928 -26.49 2.27 16.74
CA ASP A 928 -27.62 2.35 15.81
C ASP A 928 -27.29 1.61 14.52
N GLN A 929 -26.01 1.68 14.04
CA GLN A 929 -25.51 0.96 12.85
C GLN A 929 -25.66 -0.53 13.12
N ILE A 930 -25.26 -0.98 14.35
CA ILE A 930 -25.40 -2.36 14.85
C ILE A 930 -26.91 -2.75 14.86
N GLU A 931 -27.80 -1.74 15.01
CA GLU A 931 -29.26 -1.90 15.02
C GLU A 931 -29.86 -2.02 13.63
N VAL A 932 -29.50 -1.08 12.69
CA VAL A 932 -29.92 -1.06 11.27
C VAL A 932 -29.55 -2.45 10.65
N CYS A 933 -28.69 -3.18 11.37
CA CYS A 933 -28.20 -4.51 11.05
C CYS A 933 -29.13 -5.63 11.52
N ARG A 934 -29.98 -5.35 12.52
CA ARG A 934 -30.91 -6.35 13.07
C ARG A 934 -32.31 -6.21 12.48
N ASP A 935 -32.76 -4.95 12.27
CA ASP A 935 -34.05 -4.60 11.66
C ASP A 935 -34.06 -5.01 10.16
N LYS A 936 -32.90 -5.52 9.67
CA LYS A 936 -32.67 -5.96 8.30
C LYS A 936 -32.70 -7.48 8.08
N GLY A 937 -32.24 -8.24 9.09
CA GLY A 937 -32.21 -9.70 9.09
C GLY A 937 -31.38 -10.29 7.96
N TRP A 938 -32.09 -10.78 6.94
CA TRP A 938 -31.51 -11.38 5.74
C TRP A 938 -31.95 -10.67 4.50
N THR A 939 -32.75 -9.58 4.64
CA THR A 939 -33.23 -8.81 3.50
C THR A 939 -32.02 -8.67 2.60
N VAL A 940 -30.97 -7.98 3.08
CA VAL A 940 -29.69 -7.75 2.42
C VAL A 940 -29.09 -8.95 1.71
N GLN A 941 -28.80 -10.01 2.50
CA GLN A 941 -28.22 -11.29 2.09
C GLN A 941 -29.02 -11.94 1.00
N PHE A 942 -30.31 -12.19 1.28
CA PHE A 942 -31.27 -12.75 0.34
C PHE A 942 -31.31 -11.93 -0.97
N ASN A 943 -31.16 -10.58 -0.87
CA ASN A 943 -31.13 -9.66 -2.02
C ASN A 943 -29.90 -9.83 -2.89
N TRP A 944 -28.70 -10.08 -2.29
CA TRP A 944 -27.46 -10.33 -3.02
C TRP A 944 -27.70 -11.51 -3.91
N PHE A 945 -28.20 -12.62 -3.29
CA PHE A 945 -28.57 -13.89 -3.89
C PHE A 945 -29.42 -13.67 -5.15
N LEU A 946 -30.60 -12.99 -4.99
CA LEU A 946 -31.55 -12.65 -6.07
C LEU A 946 -30.78 -12.06 -7.25
N HIS A 947 -29.65 -11.41 -6.94
CA HIS A 947 -28.74 -10.80 -7.88
C HIS A 947 -27.50 -11.64 -8.31
N LEU A 948 -26.38 -11.61 -7.50
CA LEU A 948 -25.08 -12.23 -7.81
C LEU A 948 -25.27 -13.59 -8.35
N VAL A 949 -25.84 -14.45 -7.49
CA VAL A 949 -26.22 -15.83 -7.77
C VAL A 949 -27.58 -15.73 -8.54
N LEU A 950 -27.69 -14.96 -9.66
CA LEU A 950 -28.90 -14.83 -10.52
C LEU A 950 -28.95 -13.53 -11.35
N GLY A 951 -29.77 -12.56 -10.91
CA GLY A 951 -29.94 -11.27 -11.57
C GLY A 951 -30.88 -10.32 -10.87
N1 0TB B . -8.27 -18.21 2.23
N3 0TB B . -9.89 -19.24 0.81
C4 0TB B . -9.88 -18.16 0.00
C5 0TB B . -9.09 -17.07 0.30
C6 0TB B . -8.29 -17.15 1.42
C8 0TB B . -7.39 -16.04 1.80
C13 0TB B . -9.79 -15.86 -1.70
C15 0TB B . -9.65 -14.72 -2.62
C17 0TB B . -9.54 -13.93 -4.84
C20 0TB B . -9.54 -13.41 -2.23
C22 0TB B . -8.64 -10.61 -4.88
C24 0TB B . -13.73 -19.19 -2.38
C26 0TB B . -11.44 -19.90 -2.64
C2 0TB B . -9.08 -19.23 1.90
N7 0TB B . -9.10 -20.34 2.74
N9 0TB B . -10.72 -18.11 -1.16
N10 0TB B . -11.58 -19.21 -1.37
C11 0TB B . -9.03 -15.92 -0.59
C12 0TB B . -10.73 -16.98 -2.00
O14 0TB B . -11.46 -16.87 -2.98
C16 0TB B . -9.64 -14.99 -3.97
C18 0TB B . -9.43 -12.67 -4.34
N19 0TB B . -9.42 -12.36 -3.04
O21 0TB B . -9.36 -11.72 -5.36
C23 0TB B . -12.99 -18.91 -1.11
C25 0TB B . -12.78 -19.93 -3.28
F27 0TB B . -9.51 -14.12 -6.18
#